data_8A42
#
_entry.id   8A42
#
_cell.length_a   56.598
_cell.length_b   102.702
_cell.length_c   107.565
_cell.angle_alpha   90.000
_cell.angle_beta   90.000
_cell.angle_gamma   90.000
#
_symmetry.space_group_name_H-M   'P 21 21 21'
#
loop_
_entity.id
_entity.type
_entity.pdbx_description
1 polymer 'Oligopeptide-binding protein AmiA'
2 polymer 'Unknown peptide'
3 water water
#
loop_
_entity_poly.entity_id
_entity_poly.type
_entity_poly.pdbx_seq_one_letter_code
_entity_poly.pdbx_strand_id
1 'polypeptide(L)'
;ASSSSKSSDSSAPKAYGYVYTADPETLDYLISSKNSTTVVTSNGIDGLFTNDNYGNLAPAVAEDWEVSKDGLTYTYKIRK
GVKWFTSDGEEYAEVTAKDFVNGLKHAADKKSEAMYLAENSVKGLADYLSGTSTDFSTVGVKAVDDYTLQYTLNQPEPFW
NSKLTYSIFWPLNEEFETSKGSDFAKPTDPTSLLYNGPFLLKGLTAKSSVEFVKNEQYWDKENVHLDTINLAYYDGSDQE
SLERNFTSGAYSYARLYPTSSNYSKVAEEYKDNIYYTQSGSGIAGLGVNIDRQSYNYTSKTTDSEKVATKKALLNKDFRQ
ALNFALDRSAYSAQINGKDGAALAVRNLFVKPDFVSAGEKTFGDLVAAQLPAYGDEWKGVNLADGQDGLFNADKAKAEFA
KAKKALEADGVQFPIHLDVPVDQASKNYISRIQSFKQSVETVLGVENVVVDIQQMTSDEFLNITYYAANASSEDWDVSGG
VSWGPDYQDPSTYLDILKTTSSETTKTYLGFDNPNSPSVVQVGLKEYDKLVDEAARETSDLNVRYEKYAAAQAWLTDSSL
FIPAMASSGAAPVLSRIVPFTGASAQTGSKGSDVYFKYLKSQDKVVTKEEYEKAREKWLKEKAESNEKAQKELASHVK
;
A
2 'polypeptide(L)' (UNK)(UNK)(UNK)(UNK)(UNK)(UNK)(UNK)(UNK)(UNK)(UNK) G
#
# COMPACT_ATOMS: atom_id res chain seq x y z
N ALA A 12 8.84 10.53 -27.74
CA ALA A 12 9.28 9.25 -28.28
C ALA A 12 8.90 8.11 -27.33
N PRO A 13 8.74 6.91 -27.88
CA PRO A 13 8.39 5.76 -27.03
C PRO A 13 9.40 5.45 -25.95
N LYS A 14 10.67 5.84 -26.10
CA LYS A 14 11.63 5.55 -25.06
C LYS A 14 11.65 6.60 -23.96
N ALA A 15 10.80 7.63 -24.06
CA ALA A 15 10.70 8.67 -23.05
C ALA A 15 9.41 8.45 -22.25
N TYR A 16 9.52 7.76 -21.12
CA TYR A 16 8.34 7.53 -20.29
C TYR A 16 7.96 8.82 -19.58
N GLY A 17 6.68 9.20 -19.69
CA GLY A 17 6.16 10.33 -18.95
C GLY A 17 4.87 10.00 -18.23
N TYR A 18 4.81 10.31 -16.94
CA TYR A 18 3.54 10.26 -16.22
C TYR A 18 3.62 11.22 -15.05
N VAL A 19 3.04 10.86 -13.90
CA VAL A 19 2.89 11.81 -12.81
C VAL A 19 3.28 11.15 -11.49
N TYR A 20 3.49 12.00 -10.49
CA TYR A 20 3.62 11.57 -9.09
C TYR A 20 2.79 12.52 -8.25
N THR A 21 2.34 12.04 -7.08
CA THR A 21 1.33 12.75 -6.33
C THR A 21 1.80 13.37 -5.02
N ALA A 22 2.98 13.03 -4.53
CA ALA A 22 3.46 13.66 -3.29
C ALA A 22 4.98 13.70 -3.30
N ASP A 23 5.54 14.84 -2.91
CA ASP A 23 6.97 14.91 -2.76
C ASP A 23 7.41 14.02 -1.61
N PRO A 24 8.49 13.28 -1.78
CA PRO A 24 8.97 12.43 -0.69
C PRO A 24 9.46 13.24 0.49
N GLU A 25 9.26 12.69 1.70
CA GLU A 25 9.86 13.29 2.88
C GLU A 25 11.32 12.94 3.03
N THR A 26 11.75 11.88 2.37
CA THR A 26 13.09 11.35 2.50
C THR A 26 13.35 10.48 1.28
N LEU A 27 14.63 10.33 0.93
CA LEU A 27 15.02 9.32 -0.04
C LEU A 27 15.50 8.04 0.65
N ASP A 28 15.43 7.98 1.98
CA ASP A 28 15.96 6.85 2.73
C ASP A 28 14.98 5.68 2.62
N TYR A 29 15.21 4.85 1.60
CA TYR A 29 14.32 3.73 1.33
C TYR A 29 14.34 2.67 2.42
N LEU A 30 15.36 2.67 3.27
CA LEU A 30 15.41 1.70 4.35
C LEU A 30 14.50 2.08 5.51
N ILE A 31 14.18 3.37 5.66
CA ILE A 31 13.47 3.85 6.85
C ILE A 31 12.01 4.15 6.51
N SER A 32 11.73 4.52 5.27
CA SER A 32 10.39 4.99 4.95
C SER A 32 9.47 3.82 4.64
N SER A 33 8.22 3.94 5.07
CA SER A 33 7.16 3.00 4.68
C SER A 33 6.18 3.65 3.71
N LYS A 34 6.57 4.75 3.09
N LYS A 34 6.57 4.78 3.14
CA LYS A 34 5.64 5.53 2.28
CA LYS A 34 5.65 5.53 2.26
C LYS A 34 5.95 5.38 0.80
C LYS A 34 5.97 5.29 0.78
N ASN A 35 4.90 5.19 0.00
CA ASN A 35 5.05 5.00 -1.44
C ASN A 35 5.74 6.19 -2.09
N SER A 36 5.63 7.37 -1.51
CA SER A 36 6.29 8.51 -2.13
C SER A 36 7.80 8.34 -2.15
N THR A 37 8.36 7.61 -1.20
CA THR A 37 9.79 7.30 -1.30
C THR A 37 10.04 6.19 -2.32
N THR A 38 9.16 5.17 -2.37
CA THR A 38 9.30 4.10 -3.35
C THR A 38 9.30 4.66 -4.77
N VAL A 39 8.41 5.62 -5.02
CA VAL A 39 8.26 6.19 -6.35
C VAL A 39 9.59 6.76 -6.85
N VAL A 40 10.36 7.39 -5.96
CA VAL A 40 11.59 8.06 -6.38
C VAL A 40 12.82 7.19 -6.27
N THR A 41 12.74 6.00 -5.64
CA THR A 41 13.93 5.18 -5.43
C THR A 41 13.93 3.82 -6.11
N SER A 42 12.77 3.17 -6.32
CA SER A 42 12.82 1.79 -6.81
C SER A 42 13.53 1.66 -8.14
N ASN A 43 13.29 2.60 -9.07
CA ASN A 43 13.96 2.53 -10.37
C ASN A 43 15.46 2.64 -10.27
N GLY A 44 15.97 3.17 -9.16
CA GLY A 44 17.39 3.36 -8.98
C GLY A 44 18.06 2.34 -8.07
N ILE A 45 17.30 1.61 -7.24
CA ILE A 45 17.84 0.72 -6.22
C ILE A 45 17.25 -0.67 -6.40
N ASP A 46 18.09 -1.65 -6.74
CA ASP A 46 17.70 -3.05 -6.81
C ASP A 46 18.13 -3.76 -5.54
N GLY A 47 17.28 -4.64 -5.03
CA GLY A 47 17.65 -5.63 -4.04
C GLY A 47 17.93 -6.99 -4.66
N LEU A 48 17.68 -8.04 -3.88
CA LEU A 48 18.12 -9.38 -4.27
C LEU A 48 17.29 -9.94 -5.43
N PHE A 49 16.00 -9.58 -5.51
CA PHE A 49 15.12 -10.05 -6.57
C PHE A 49 14.31 -8.88 -7.12
N THR A 50 13.81 -9.08 -8.34
CA THR A 50 12.74 -8.26 -8.92
C THR A 50 11.57 -9.20 -9.22
N ASN A 51 10.54 -8.66 -9.89
CA ASN A 51 9.42 -9.46 -10.37
C ASN A 51 9.38 -9.38 -11.89
N ASP A 52 9.32 -10.54 -12.55
CA ASP A 52 9.21 -10.51 -14.01
C ASP A 52 7.77 -10.23 -14.41
N ASN A 53 7.52 -10.22 -15.72
CA ASN A 53 6.19 -9.85 -16.19
C ASN A 53 5.14 -10.91 -15.93
N TYR A 54 5.52 -12.09 -15.44
CA TYR A 54 4.59 -13.14 -15.03
C TYR A 54 4.41 -13.19 -13.52
N GLY A 55 5.09 -12.33 -12.77
CA GLY A 55 4.97 -12.33 -11.34
C GLY A 55 5.96 -13.22 -10.62
N ASN A 56 6.84 -13.91 -11.35
CA ASN A 56 7.87 -14.70 -10.68
C ASN A 56 8.92 -13.79 -10.08
N LEU A 57 9.51 -14.25 -8.97
CA LEU A 57 10.73 -13.63 -8.50
C LEU A 57 11.84 -13.87 -9.52
N ALA A 58 12.51 -12.82 -9.92
CA ALA A 58 13.59 -12.87 -10.88
C ALA A 58 14.91 -12.50 -10.23
N PRO A 59 15.98 -13.23 -10.50
CA PRO A 59 17.27 -12.87 -9.90
C PRO A 59 17.65 -11.44 -10.25
N ALA A 60 18.06 -10.69 -9.22
CA ALA A 60 18.58 -9.34 -9.45
C ALA A 60 19.98 -9.30 -8.85
N VAL A 61 20.17 -8.67 -7.69
CA VAL A 61 21.50 -8.69 -7.09
C VAL A 61 21.87 -10.10 -6.64
N ALA A 62 20.88 -10.93 -6.28
CA ALA A 62 21.11 -12.36 -6.04
C ALA A 62 21.09 -13.10 -7.37
N GLU A 63 22.21 -13.71 -7.73
CA GLU A 63 22.27 -14.53 -8.94
C GLU A 63 21.73 -15.92 -8.68
N ASP A 64 21.82 -16.40 -7.45
CA ASP A 64 21.28 -17.71 -7.08
C ASP A 64 21.03 -17.67 -5.58
N TRP A 65 20.31 -18.67 -5.09
CA TRP A 65 20.00 -18.74 -3.67
C TRP A 65 19.75 -20.17 -3.27
N GLU A 66 19.85 -20.41 -1.95
CA GLU A 66 19.53 -21.69 -1.39
C GLU A 66 18.90 -21.50 -0.03
N VAL A 67 18.22 -22.53 0.45
CA VAL A 67 17.63 -22.52 1.78
C VAL A 67 17.94 -23.86 2.45
N SER A 68 18.17 -23.81 3.76
CA SER A 68 18.45 -25.01 4.51
C SER A 68 17.22 -25.90 4.59
N LYS A 69 17.46 -27.18 4.93
CA LYS A 69 16.37 -28.14 5.02
C LYS A 69 15.35 -27.75 6.08
N ASP A 70 15.79 -27.13 7.17
CA ASP A 70 14.84 -26.72 8.21
C ASP A 70 14.16 -25.38 7.92
N GLY A 71 14.47 -24.73 6.79
CA GLY A 71 13.82 -23.50 6.41
C GLY A 71 14.29 -22.25 7.12
N LEU A 72 15.33 -22.35 7.95
CA LEU A 72 15.72 -21.21 8.78
C LEU A 72 16.87 -20.38 8.21
N THR A 73 17.68 -20.93 7.31
CA THR A 73 18.84 -20.23 6.80
C THR A 73 18.74 -20.07 5.29
N TYR A 74 18.74 -18.82 4.83
CA TYR A 74 18.75 -18.49 3.41
C TYR A 74 20.09 -17.91 3.03
N THR A 75 20.67 -18.40 1.93
CA THR A 75 21.98 -17.95 1.48
C THR A 75 21.88 -17.50 0.02
N TYR A 76 22.40 -16.31 -0.26
CA TYR A 76 22.29 -15.68 -1.58
C TYR A 76 23.68 -15.51 -2.16
N LYS A 77 23.84 -15.97 -3.40
CA LYS A 77 25.05 -15.70 -4.17
C LYS A 77 24.90 -14.33 -4.82
N ILE A 78 25.72 -13.38 -4.39
CA ILE A 78 25.65 -12.01 -4.91
C ILE A 78 26.29 -11.98 -6.29
N ARG A 79 25.58 -11.42 -7.26
CA ARG A 79 26.08 -11.29 -8.61
C ARG A 79 27.32 -10.40 -8.62
N LYS A 80 28.38 -10.86 -9.27
CA LYS A 80 29.59 -10.06 -9.35
C LYS A 80 29.47 -9.03 -10.47
N GLY A 81 30.18 -7.92 -10.31
CA GLY A 81 30.22 -6.90 -11.32
C GLY A 81 29.10 -5.89 -11.30
N VAL A 82 28.22 -5.93 -10.29
CA VAL A 82 27.14 -4.96 -10.15
C VAL A 82 27.70 -3.77 -9.39
N LYS A 83 27.54 -2.57 -9.96
CA LYS A 83 28.19 -1.39 -9.41
C LYS A 83 27.17 -0.38 -8.90
N TRP A 84 27.58 0.35 -7.87
CA TRP A 84 26.96 1.59 -7.45
C TRP A 84 27.44 2.75 -8.31
N PHE A 85 26.50 3.59 -8.74
CA PHE A 85 26.77 4.76 -9.58
C PHE A 85 26.20 6.02 -8.94
N THR A 86 26.89 7.14 -9.17
CA THR A 86 26.32 8.43 -8.81
C THR A 86 25.21 8.83 -9.78
N SER A 87 24.48 9.89 -9.42
CA SER A 87 23.41 10.38 -10.27
C SER A 87 23.91 10.82 -11.64
N ASP A 88 25.20 11.12 -11.79
CA ASP A 88 25.73 11.51 -13.07
C ASP A 88 26.43 10.36 -13.78
N GLY A 89 26.33 9.15 -13.25
CA GLY A 89 26.83 7.96 -13.90
C GLY A 89 28.26 7.58 -13.57
N GLU A 90 28.86 8.18 -12.55
CA GLU A 90 30.23 7.83 -12.18
C GLU A 90 30.22 6.62 -11.25
N GLU A 91 31.06 5.64 -11.57
CA GLU A 91 31.11 4.45 -10.74
C GLU A 91 31.71 4.77 -9.38
N TYR A 92 31.13 4.20 -8.33
CA TYR A 92 31.56 4.44 -6.96
C TYR A 92 32.16 3.21 -6.30
N ALA A 93 31.50 2.07 -6.35
CA ALA A 93 31.98 0.86 -5.69
C ALA A 93 31.16 -0.31 -6.21
N GLU A 94 31.55 -1.53 -5.83
CA GLU A 94 30.85 -2.76 -6.28
C GLU A 94 29.86 -3.23 -5.20
N VAL A 95 28.61 -3.48 -5.60
CA VAL A 95 27.58 -3.95 -4.69
C VAL A 95 28.04 -5.27 -4.09
N THR A 96 28.01 -5.38 -2.75
CA THR A 96 28.45 -6.58 -2.07
C THR A 96 27.45 -6.98 -1.00
N ALA A 97 27.67 -8.18 -0.46
CA ALA A 97 26.84 -8.64 0.65
C ALA A 97 26.93 -7.72 1.85
N LYS A 98 28.06 -7.04 2.03
CA LYS A 98 28.21 -6.12 3.15
C LYS A 98 27.20 -4.98 3.07
N ASP A 99 26.76 -4.62 1.86
CA ASP A 99 25.75 -3.56 1.72
C ASP A 99 24.39 -3.99 2.27
N PHE A 100 24.11 -5.30 2.30
CA PHE A 100 22.86 -5.78 2.86
C PHE A 100 22.94 -5.92 4.38
N VAL A 101 24.10 -6.29 4.90
CA VAL A 101 24.32 -6.21 6.35
C VAL A 101 24.14 -4.76 6.81
N ASN A 102 24.77 -3.84 6.09
CA ASN A 102 24.69 -2.42 6.47
C ASN A 102 23.28 -1.88 6.30
N GLY A 103 22.59 -2.28 5.23
CA GLY A 103 21.22 -1.82 5.05
C GLY A 103 20.33 -2.17 6.23
N LEU A 104 20.39 -3.43 6.67
CA LEU A 104 19.53 -3.83 7.78
C LEU A 104 19.97 -3.18 9.08
N LYS A 105 21.29 -3.00 9.27
CA LYS A 105 21.74 -2.31 10.47
C LYS A 105 21.25 -0.87 10.49
N HIS A 106 21.30 -0.19 9.33
CA HIS A 106 20.79 1.17 9.26
C HIS A 106 19.29 1.20 9.52
N ALA A 107 18.54 0.28 8.92
CA ALA A 107 17.11 0.20 9.19
C ALA A 107 16.83 -0.01 10.68
N ALA A 108 17.66 -0.81 11.34
CA ALA A 108 17.46 -1.06 12.77
C ALA A 108 17.84 0.16 13.59
N ASP A 109 19.00 0.74 13.32
CA ASP A 109 19.52 1.85 14.12
C ASP A 109 18.62 3.08 14.02
N LYS A 110 18.05 3.31 12.84
CA LYS A 110 17.18 4.47 12.64
C LYS A 110 15.69 4.13 12.71
N LYS A 111 15.37 2.99 13.28
CA LYS A 111 13.97 2.59 13.56
C LYS A 111 13.08 2.72 12.32
N SER A 112 13.35 1.87 11.37
CA SER A 112 12.60 1.89 10.12
C SER A 112 11.10 1.77 10.35
N GLU A 113 10.33 2.56 9.60
CA GLU A 113 8.87 2.47 9.65
C GLU A 113 8.35 1.13 9.17
N ALA A 114 9.17 0.36 8.46
CA ALA A 114 8.77 -0.95 7.98
C ALA A 114 9.38 -2.09 8.79
N MET A 115 9.82 -1.81 10.01
CA MET A 115 10.52 -2.83 10.79
C MET A 115 9.66 -4.07 11.06
N TYR A 116 8.32 -3.94 11.01
CA TYR A 116 7.46 -5.10 11.30
C TYR A 116 7.78 -6.29 10.38
N LEU A 117 8.26 -6.03 9.16
CA LEU A 117 8.62 -7.09 8.21
C LEU A 117 9.81 -7.91 8.67
N ALA A 118 10.65 -7.36 9.52
CA ALA A 118 11.92 -7.97 9.84
C ALA A 118 12.08 -8.32 11.29
N GLU A 119 11.43 -7.57 12.20
CA GLU A 119 11.79 -7.62 13.61
C GLU A 119 11.52 -8.98 14.25
N ASN A 120 10.49 -9.68 13.83
CA ASN A 120 10.18 -11.00 14.39
C ASN A 120 10.63 -12.13 13.48
N SER A 121 11.28 -11.81 12.36
CA SER A 121 11.69 -12.78 11.37
C SER A 121 13.19 -13.04 11.44
N VAL A 122 13.99 -11.99 11.37
CA VAL A 122 15.45 -12.15 11.39
C VAL A 122 15.89 -12.42 12.82
N LYS A 123 16.62 -13.52 13.01
CA LYS A 123 17.05 -13.92 14.35
C LYS A 123 17.86 -12.81 15.00
N GLY A 124 17.57 -12.56 16.30
CA GLY A 124 18.30 -11.57 17.06
C GLY A 124 17.92 -10.13 16.82
N LEU A 125 17.10 -9.84 15.79
CA LEU A 125 16.83 -8.44 15.45
C LEU A 125 15.96 -7.77 16.50
N ALA A 126 14.98 -8.48 17.05
CA ALA A 126 14.13 -7.88 18.07
C ALA A 126 14.93 -7.46 19.29
N ASP A 127 15.90 -8.29 19.70
CA ASP A 127 16.73 -7.94 20.86
C ASP A 127 17.65 -6.77 20.56
N TYR A 128 18.12 -6.65 19.32
CA TYR A 128 18.93 -5.50 18.96
C TYR A 128 18.11 -4.22 18.94
N LEU A 129 16.87 -4.30 18.43
CA LEU A 129 16.01 -3.12 18.38
C LEU A 129 15.65 -2.61 19.77
N SER A 130 15.46 -3.53 20.72
CA SER A 130 15.10 -3.12 22.07
C SER A 130 16.30 -2.60 22.86
N GLY A 131 17.51 -2.85 22.40
CA GLY A 131 18.70 -2.41 23.09
C GLY A 131 19.29 -3.42 24.05
N THR A 132 18.67 -4.59 24.22
CA THR A 132 19.24 -5.60 25.12
C THR A 132 20.47 -6.24 24.53
N SER A 133 20.60 -6.25 23.21
CA SER A 133 21.88 -6.43 22.54
C SER A 133 22.21 -5.15 21.80
N THR A 134 23.48 -4.74 21.89
CA THR A 134 23.96 -3.60 21.11
C THR A 134 24.98 -4.00 20.06
N ASP A 135 25.23 -5.29 19.90
CA ASP A 135 26.20 -5.80 18.93
C ASP A 135 25.43 -6.38 17.75
N PHE A 136 25.55 -5.74 16.58
CA PHE A 136 24.80 -6.21 15.42
C PHE A 136 25.28 -7.58 14.92
N SER A 137 26.44 -8.05 15.38
CA SER A 137 26.88 -9.41 15.04
C SER A 137 25.94 -10.48 15.59
N THR A 138 25.10 -10.15 16.56
CA THR A 138 24.12 -11.11 17.06
C THR A 138 22.86 -11.17 16.19
N VAL A 139 22.78 -10.34 15.15
CA VAL A 139 21.59 -10.30 14.29
C VAL A 139 21.86 -11.19 13.08
N GLY A 140 20.83 -11.95 12.69
CA GLY A 140 20.94 -12.96 11.66
C GLY A 140 21.04 -12.49 10.22
N VAL A 141 21.94 -11.56 9.95
CA VAL A 141 22.34 -11.21 8.58
C VAL A 141 23.86 -11.15 8.57
N LYS A 142 24.47 -11.89 7.65
CA LYS A 142 25.92 -12.02 7.63
C LYS A 142 26.44 -11.99 6.21
N ALA A 143 27.58 -11.30 6.02
CA ALA A 143 28.32 -11.38 4.77
C ALA A 143 29.39 -12.44 4.98
N VAL A 144 29.04 -13.69 4.65
CA VAL A 144 29.97 -14.80 4.84
C VAL A 144 31.25 -14.53 4.07
N ASP A 145 31.13 -14.06 2.83
CA ASP A 145 32.20 -13.34 2.16
C ASP A 145 31.54 -12.20 1.40
N ASP A 146 32.32 -11.44 0.63
CA ASP A 146 31.74 -10.25 0.01
C ASP A 146 30.64 -10.57 -0.99
N TYR A 147 30.50 -11.82 -1.43
CA TYR A 147 29.49 -12.17 -2.41
C TYR A 147 28.62 -13.32 -1.94
N THR A 148 28.54 -13.54 -0.63
CA THR A 148 27.69 -14.57 -0.05
C THR A 148 26.97 -13.96 1.13
N LEU A 149 25.65 -13.81 0.99
CA LEU A 149 24.81 -13.17 2.00
C LEU A 149 23.91 -14.22 2.66
N GLN A 150 23.90 -14.24 3.99
CA GLN A 150 23.18 -15.27 4.73
C GLN A 150 22.22 -14.65 5.74
N TYR A 151 20.93 -14.98 5.65
CA TYR A 151 19.97 -14.58 6.65
C TYR A 151 19.54 -15.79 7.46
N THR A 152 19.43 -15.60 8.78
CA THR A 152 18.94 -16.64 9.67
C THR A 152 17.63 -16.17 10.30
N LEU A 153 16.59 -17.00 10.20
CA LEU A 153 15.25 -16.65 10.64
C LEU A 153 14.87 -17.36 11.93
N ASN A 154 13.85 -16.81 12.60
CA ASN A 154 13.36 -17.39 13.84
C ASN A 154 12.47 -18.61 13.59
N GLN A 155 11.82 -18.65 12.44
CA GLN A 155 10.90 -19.72 12.08
C GLN A 155 10.87 -19.79 10.55
N PRO A 156 10.47 -20.94 10.01
CA PRO A 156 10.32 -21.02 8.55
C PRO A 156 9.30 -20.01 8.05
N GLU A 157 9.60 -19.40 6.91
CA GLU A 157 8.70 -18.45 6.26
C GLU A 157 8.72 -18.74 4.77
N PRO A 158 7.73 -19.46 4.24
CA PRO A 158 7.71 -19.72 2.80
C PRO A 158 7.60 -18.46 1.98
N PHE A 159 7.16 -17.37 2.57
CA PHE A 159 7.02 -16.08 1.93
C PHE A 159 8.23 -15.17 2.17
N TRP A 160 9.32 -15.71 2.75
CA TRP A 160 10.49 -14.87 3.03
C TRP A 160 11.04 -14.22 1.77
N ASN A 161 11.24 -15.00 0.71
CA ASN A 161 11.84 -14.42 -0.49
C ASN A 161 10.98 -13.29 -1.06
N SER A 162 9.65 -13.36 -0.91
CA SER A 162 8.83 -12.27 -1.42
C SER A 162 9.08 -10.96 -0.67
N LYS A 163 9.57 -11.02 0.58
CA LYS A 163 9.93 -9.81 1.30
C LYS A 163 11.08 -9.09 0.66
N LEU A 164 11.91 -9.79 -0.12
CA LEU A 164 13.15 -9.21 -0.60
C LEU A 164 12.95 -8.28 -1.78
N THR A 165 11.71 -8.15 -2.32
CA THR A 165 11.39 -7.08 -3.24
C THR A 165 10.83 -5.86 -2.54
N TYR A 166 10.85 -5.84 -1.22
CA TYR A 166 10.46 -4.67 -0.44
C TYR A 166 11.71 -3.94 0.06
N SER A 167 11.59 -2.61 0.20
CA SER A 167 12.76 -1.75 0.28
C SER A 167 13.57 -1.91 1.56
N ILE A 168 13.00 -2.42 2.65
CA ILE A 168 13.80 -2.55 3.87
C ILE A 168 14.94 -3.56 3.68
N PHE A 169 14.84 -4.43 2.68
CA PHE A 169 15.89 -5.39 2.39
C PHE A 169 16.74 -4.98 1.19
N TRP A 170 16.75 -3.69 0.85
CA TRP A 170 17.63 -3.19 -0.19
C TRP A 170 19.03 -2.88 0.37
N PRO A 171 20.04 -2.88 -0.49
CA PRO A 171 21.40 -2.62 -0.02
C PRO A 171 21.71 -1.13 0.08
N LEU A 172 22.73 -0.84 0.89
CA LEU A 172 23.22 0.54 1.08
C LEU A 172 24.72 0.47 1.34
N ASN A 173 25.49 1.21 0.52
CA ASN A 173 26.94 1.28 0.70
C ASN A 173 27.28 2.12 1.92
N GLU A 174 27.98 1.52 2.89
CA GLU A 174 28.24 2.20 4.15
C GLU A 174 29.22 3.36 3.99
N GLU A 175 30.27 3.18 3.18
CA GLU A 175 31.23 4.26 2.97
C GLU A 175 30.53 5.51 2.44
N PHE A 176 29.62 5.33 1.48
CA PHE A 176 28.88 6.48 0.96
C PHE A 176 27.98 7.09 2.01
N GLU A 177 27.23 6.25 2.71
CA GLU A 177 26.31 6.73 3.74
C GLU A 177 27.07 7.57 4.77
N THR A 178 28.22 7.06 5.24
CA THR A 178 29.00 7.79 6.23
C THR A 178 29.54 9.09 5.64
N SER A 179 29.97 9.05 4.38
CA SER A 179 30.53 10.23 3.74
C SER A 179 29.53 11.38 3.66
N LYS A 180 28.24 11.08 3.53
CA LYS A 180 27.23 12.11 3.37
C LYS A 180 26.72 12.68 4.68
N GLY A 181 26.90 11.97 5.79
CA GLY A 181 26.50 12.49 7.08
C GLY A 181 25.02 12.86 7.10
N SER A 182 24.73 14.03 7.68
CA SER A 182 23.35 14.49 7.77
C SER A 182 22.78 14.93 6.43
N ASP A 183 23.57 14.93 5.36
CA ASP A 183 23.07 15.21 4.02
C ASP A 183 22.64 13.94 3.28
N PHE A 184 22.70 12.78 3.92
CA PHE A 184 22.34 11.53 3.28
C PHE A 184 20.85 11.47 2.96
N ALA A 185 20.51 11.01 1.77
CA ALA A 185 19.09 10.73 1.38
C ALA A 185 18.13 11.92 1.56
N LYS A 186 18.57 13.10 1.18
CA LYS A 186 17.72 14.28 1.33
C LYS A 186 16.82 14.37 0.10
N PRO A 187 15.54 14.70 0.31
CA PRO A 187 14.54 14.59 -0.74
C PRO A 187 14.57 15.53 -1.94
N THR A 188 15.44 16.52 -1.89
CA THR A 188 15.61 17.32 -3.11
C THR A 188 17.00 17.16 -3.73
N ASP A 189 17.75 16.12 -3.33
CA ASP A 189 19.16 16.00 -3.73
C ASP A 189 19.46 14.61 -4.28
N PRO A 190 19.39 14.44 -5.60
CA PRO A 190 19.71 13.12 -6.18
C PRO A 190 21.15 12.69 -5.95
N THR A 191 22.06 13.61 -5.61
CA THR A 191 23.44 13.19 -5.32
C THR A 191 23.60 12.60 -3.93
N SER A 192 22.53 12.52 -3.14
CA SER A 192 22.63 12.01 -1.77
C SER A 192 22.24 10.55 -1.65
N LEU A 193 22.06 9.87 -2.78
CA LEU A 193 21.98 8.42 -2.85
C LEU A 193 22.93 7.94 -3.94
N LEU A 194 23.27 6.66 -3.89
CA LEU A 194 23.89 5.96 -5.02
C LEU A 194 22.88 4.98 -5.61
N TYR A 195 23.11 4.61 -6.87
CA TYR A 195 22.14 3.84 -7.65
C TYR A 195 22.78 2.59 -8.22
N ASN A 196 22.13 1.45 -8.03
CA ASN A 196 22.61 0.21 -8.63
C ASN A 196 21.60 -0.39 -9.59
N GLY A 197 20.49 0.29 -9.84
CA GLY A 197 19.39 -0.28 -10.57
C GLY A 197 19.35 0.13 -12.02
N PRO A 198 18.21 -0.11 -12.67
CA PRO A 198 18.14 0.09 -14.13
C PRO A 198 18.18 1.56 -14.54
N PHE A 199 17.90 2.48 -13.62
CA PHE A 199 17.91 3.91 -13.89
C PHE A 199 18.70 4.63 -12.80
N LEU A 200 19.14 5.84 -13.14
CA LEU A 200 19.77 6.76 -12.20
C LEU A 200 18.78 7.88 -11.91
N LEU A 201 18.57 8.18 -10.63
CA LEU A 201 17.77 9.33 -10.27
C LEU A 201 18.56 10.60 -10.58
N LYS A 202 18.01 11.43 -11.47
CA LYS A 202 18.70 12.58 -12.04
C LYS A 202 18.22 13.91 -11.48
N GLY A 203 16.94 14.04 -11.18
CA GLY A 203 16.38 15.32 -10.82
C GLY A 203 15.24 15.18 -9.85
N LEU A 204 15.21 16.05 -8.85
CA LEU A 204 14.11 16.20 -7.91
C LEU A 204 13.81 17.67 -7.77
N THR A 205 12.60 18.07 -8.15
CA THR A 205 12.15 19.45 -7.94
C THR A 205 10.82 19.40 -7.23
N ALA A 206 10.75 20.03 -6.05
CA ALA A 206 9.55 19.97 -5.24
C ALA A 206 8.34 20.53 -6.00
N LYS A 207 7.23 19.81 -5.90
CA LYS A 207 5.97 20.17 -6.55
C LYS A 207 6.13 20.37 -8.05
N SER A 208 7.06 19.63 -8.66
CA SER A 208 7.31 19.79 -10.09
C SER A 208 7.66 18.48 -10.78
N SER A 209 8.78 17.85 -10.43
CA SER A 209 9.19 16.70 -11.23
C SER A 209 10.12 15.76 -10.48
N VAL A 210 10.09 14.50 -10.92
CA VAL A 210 11.06 13.46 -10.57
C VAL A 210 11.60 12.94 -11.90
N GLU A 211 12.92 12.86 -12.02
CA GLU A 211 13.55 12.59 -13.30
C GLU A 211 14.58 11.47 -13.19
N PHE A 212 14.51 10.50 -14.11
CA PHE A 212 15.51 9.44 -14.18
C PHE A 212 16.07 9.31 -15.59
N VAL A 213 17.28 8.76 -15.69
CA VAL A 213 17.84 8.36 -16.97
C VAL A 213 18.25 6.89 -16.89
N LYS A 214 18.27 6.24 -18.05
CA LYS A 214 18.72 4.85 -18.11
C LYS A 214 20.16 4.71 -17.62
N ASN A 215 20.40 3.69 -16.80
CA ASN A 215 21.75 3.39 -16.35
C ASN A 215 22.42 2.58 -17.46
N GLU A 216 23.29 3.24 -18.24
CA GLU A 216 23.85 2.57 -19.40
C GLU A 216 24.94 1.56 -19.07
N GLN A 217 25.32 1.44 -17.81
CA GLN A 217 26.26 0.41 -17.37
C GLN A 217 25.59 -0.67 -16.53
N TYR A 218 24.26 -0.68 -16.52
CA TYR A 218 23.52 -1.68 -15.74
C TYR A 218 23.75 -3.09 -16.28
N TRP A 219 23.99 -4.04 -15.37
CA TRP A 219 24.25 -5.41 -15.78
C TRP A 219 23.09 -6.01 -16.57
N ASP A 220 21.87 -5.54 -16.33
CA ASP A 220 20.70 -6.09 -17.01
C ASP A 220 20.09 -5.06 -17.96
N LYS A 221 20.91 -4.21 -18.57
CA LYS A 221 20.36 -3.16 -19.42
C LYS A 221 19.65 -3.72 -20.65
N GLU A 222 19.88 -4.97 -21.00
CA GLU A 222 19.17 -5.59 -22.13
C GLU A 222 17.68 -5.73 -21.82
N ASN A 223 17.31 -5.68 -20.55
CA ASN A 223 15.91 -5.74 -20.16
C ASN A 223 15.33 -4.37 -19.82
N VAL A 224 16.01 -3.29 -20.21
CA VAL A 224 15.56 -1.93 -19.94
C VAL A 224 15.35 -1.24 -21.28
N HIS A 225 14.13 -0.75 -21.50
CA HIS A 225 13.71 -0.29 -22.82
C HIS A 225 13.20 1.14 -22.80
N LEU A 226 13.53 1.88 -21.75
CA LEU A 226 13.25 3.30 -21.64
C LEU A 226 14.56 4.02 -21.49
N ASP A 227 14.71 5.13 -22.22
CA ASP A 227 15.89 5.97 -22.07
C ASP A 227 15.74 6.97 -20.94
N THR A 228 14.52 7.46 -20.70
CA THR A 228 14.29 8.50 -19.70
C THR A 228 12.94 8.26 -19.05
N ILE A 229 12.80 8.75 -17.82
CA ILE A 229 11.55 8.74 -17.07
C ILE A 229 11.35 10.14 -16.51
N ASN A 230 10.17 10.71 -16.73
CA ASN A 230 9.84 12.00 -16.16
C ASN A 230 8.47 11.88 -15.51
N LEU A 231 8.38 12.17 -14.22
CA LEU A 231 7.12 12.20 -13.49
C LEU A 231 6.82 13.65 -13.11
N ALA A 232 5.69 14.16 -13.59
CA ALA A 232 5.27 15.52 -13.29
C ALA A 232 4.35 15.52 -12.07
N TYR A 233 4.46 16.56 -11.26
CA TYR A 233 3.63 16.65 -10.05
C TYR A 233 2.17 16.83 -10.42
N TYR A 234 1.32 16.03 -9.77
CA TYR A 234 -0.13 16.06 -9.99
C TYR A 234 -0.81 16.13 -8.63
N ASP A 235 -1.52 17.22 -8.38
CA ASP A 235 -2.18 17.43 -7.09
C ASP A 235 -3.68 17.20 -7.12
N GLY A 236 -4.25 16.77 -8.25
CA GLY A 236 -5.67 16.49 -8.34
C GLY A 236 -6.56 17.67 -8.66
N SER A 237 -5.99 18.87 -8.85
CA SER A 237 -6.85 20.02 -9.11
C SER A 237 -7.39 20.02 -10.52
N ASP A 238 -6.82 19.21 -11.41
CA ASP A 238 -7.24 19.15 -12.81
C ASP A 238 -7.14 17.69 -13.24
N GLN A 239 -8.17 16.90 -12.92
CA GLN A 239 -8.13 15.48 -13.26
C GLN A 239 -8.10 15.25 -14.76
N GLU A 240 -8.67 16.17 -15.55
CA GLU A 240 -8.59 16.06 -17.00
C GLU A 240 -7.16 16.22 -17.51
N SER A 241 -6.23 16.70 -16.67
CA SER A 241 -4.85 16.91 -17.12
C SER A 241 -4.19 15.62 -17.59
N LEU A 242 -4.53 14.47 -16.99
CA LEU A 242 -3.89 13.23 -17.38
C LEU A 242 -4.20 12.88 -18.83
N GLU A 243 -5.49 12.90 -19.19
CA GLU A 243 -5.87 12.61 -20.57
C GLU A 243 -5.34 13.67 -21.52
N ARG A 244 -5.39 14.94 -21.13
CA ARG A 244 -4.93 16.01 -22.00
C ARG A 244 -3.46 15.84 -22.37
N ASN A 245 -2.62 15.55 -21.37
CA ASN A 245 -1.20 15.36 -21.61
C ASN A 245 -0.91 14.04 -22.28
N PHE A 246 -1.78 13.04 -22.12
CA PHE A 246 -1.64 11.84 -22.92
C PHE A 246 -1.88 12.12 -24.39
N THR A 247 -2.93 12.88 -24.70
CA THR A 247 -3.28 13.14 -26.09
C THR A 247 -2.20 13.97 -26.78
N SER A 248 -1.52 14.86 -26.05
CA SER A 248 -0.45 15.64 -26.67
C SER A 248 0.82 14.84 -26.87
N GLY A 249 0.90 13.64 -26.30
CA GLY A 249 2.08 12.82 -26.38
C GLY A 249 3.00 12.97 -25.19
N ALA A 250 2.73 13.91 -24.29
CA ALA A 250 3.61 14.10 -23.14
C ALA A 250 3.60 12.87 -22.23
N TYR A 251 2.43 12.32 -21.95
CA TYR A 251 2.34 11.19 -21.03
C TYR A 251 2.19 9.89 -21.81
N SER A 252 2.78 8.83 -21.25
CA SER A 252 2.77 7.49 -21.83
C SER A 252 1.54 6.69 -21.44
N TYR A 253 0.72 7.23 -20.54
CA TYR A 253 -0.36 6.53 -19.86
C TYR A 253 -1.30 7.58 -19.32
N ALA A 254 -2.58 7.23 -19.16
CA ALA A 254 -3.49 8.15 -18.50
C ALA A 254 -4.61 7.38 -17.83
N ARG A 255 -4.81 7.64 -16.53
CA ARG A 255 -5.99 7.18 -15.84
C ARG A 255 -7.13 8.14 -16.18
N LEU A 256 -8.27 7.58 -16.63
CA LEU A 256 -9.40 8.40 -17.03
C LEU A 256 -10.41 8.54 -15.89
N TYR A 257 -11.10 9.67 -15.87
CA TYR A 257 -12.13 9.94 -14.87
C TYR A 257 -13.45 10.21 -15.56
N PRO A 258 -14.35 9.22 -15.62
CA PRO A 258 -15.59 9.40 -16.38
C PRO A 258 -16.49 10.52 -15.85
N THR A 259 -16.26 11.04 -14.64
CA THR A 259 -17.07 12.15 -14.17
C THR A 259 -16.63 13.49 -14.72
N SER A 260 -15.47 13.54 -15.41
CA SER A 260 -15.03 14.77 -16.06
C SER A 260 -16.08 15.29 -17.04
N SER A 261 -16.25 16.60 -17.08
CA SER A 261 -17.28 17.17 -17.95
C SER A 261 -16.99 16.89 -19.42
N ASN A 262 -15.72 16.74 -19.79
CA ASN A 262 -15.38 16.46 -21.18
C ASN A 262 -15.34 14.98 -21.51
N TYR A 263 -15.79 14.11 -20.60
CA TYR A 263 -15.55 12.68 -20.79
C TYR A 263 -16.28 12.13 -22.02
N SER A 264 -17.49 12.60 -22.29
CA SER A 264 -18.21 12.10 -23.46
C SER A 264 -17.41 12.32 -24.74
N LYS A 265 -16.68 13.43 -24.83
CA LYS A 265 -15.78 13.68 -25.94
C LYS A 265 -14.61 12.70 -25.94
N VAL A 266 -13.99 12.53 -24.78
CA VAL A 266 -12.86 11.62 -24.66
C VAL A 266 -13.28 10.19 -25.02
N ALA A 267 -14.44 9.76 -24.53
CA ALA A 267 -14.88 8.40 -24.76
C ALA A 267 -15.18 8.14 -26.23
N GLU A 268 -15.64 9.17 -26.95
CA GLU A 268 -15.87 9.02 -28.38
C GLU A 268 -14.56 8.91 -29.14
N GLU A 269 -13.61 9.82 -28.84
CA GLU A 269 -12.34 9.81 -29.55
C GLU A 269 -11.56 8.53 -29.30
N TYR A 270 -11.61 8.01 -28.08
CA TYR A 270 -10.81 6.86 -27.71
C TYR A 270 -11.66 5.61 -27.52
N LYS A 271 -12.78 5.51 -28.25
CA LYS A 271 -13.69 4.39 -28.07
C LYS A 271 -12.99 3.05 -28.29
N ASP A 272 -12.03 3.00 -29.21
CA ASP A 272 -11.33 1.76 -29.51
C ASP A 272 -10.12 1.52 -28.62
N ASN A 273 -9.84 2.44 -27.68
CA ASN A 273 -8.61 2.40 -26.90
C ASN A 273 -8.80 2.26 -25.40
N ILE A 274 -9.90 2.74 -24.85
CA ILE A 274 -10.11 2.66 -23.41
C ILE A 274 -10.24 1.20 -23.00
N TYR A 275 -9.47 0.79 -21.99
CA TYR A 275 -9.64 -0.53 -21.40
C TYR A 275 -9.56 -0.40 -19.89
N TYR A 276 -10.03 -1.43 -19.21
CA TYR A 276 -10.10 -1.43 -17.76
C TYR A 276 -9.03 -2.32 -17.18
N THR A 277 -8.34 -1.82 -16.17
CA THR A 277 -7.30 -2.54 -15.46
C THR A 277 -7.90 -3.41 -14.35
N GLN A 278 -7.18 -4.46 -13.99
CA GLN A 278 -7.61 -5.29 -12.87
C GLN A 278 -7.46 -4.52 -11.56
N SER A 279 -8.27 -4.88 -10.58
CA SER A 279 -8.18 -4.24 -9.28
C SER A 279 -6.83 -4.55 -8.62
N GLY A 280 -6.28 -3.55 -7.96
CA GLY A 280 -5.04 -3.73 -7.24
C GLY A 280 -5.23 -4.42 -5.90
N SER A 281 -4.11 -4.74 -5.26
CA SER A 281 -4.15 -5.46 -4.00
C SER A 281 -4.22 -4.56 -2.79
N GLY A 282 -4.01 -3.25 -2.95
CA GLY A 282 -4.10 -2.35 -1.83
C GLY A 282 -5.53 -2.00 -1.49
N ILE A 283 -5.73 -1.54 -0.25
CA ILE A 283 -7.07 -1.23 0.25
C ILE A 283 -7.18 0.27 0.50
N ALA A 284 -8.26 0.84 -0.01
CA ALA A 284 -8.68 2.20 0.29
C ALA A 284 -9.97 2.17 1.08
N GLY A 285 -10.08 3.06 2.06
CA GLY A 285 -11.30 3.14 2.83
C GLY A 285 -11.13 4.21 3.87
N LEU A 286 -11.93 4.13 4.92
CA LEU A 286 -11.97 5.19 5.92
C LEU A 286 -11.55 4.63 7.27
N GLY A 287 -10.47 5.16 7.82
CA GLY A 287 -10.08 4.81 9.18
C GLY A 287 -10.87 5.60 10.20
N VAL A 288 -11.06 4.99 11.36
CA VAL A 288 -11.75 5.59 12.50
C VAL A 288 -10.71 5.91 13.56
N ASN A 289 -10.65 7.17 13.96
CA ASN A 289 -9.72 7.57 15.02
C ASN A 289 -10.35 7.23 16.37
N ILE A 290 -9.86 6.16 17.02
CA ILE A 290 -10.47 5.77 18.29
C ILE A 290 -9.83 6.44 19.48
N ASP A 291 -8.87 7.33 19.29
CA ASP A 291 -8.13 7.90 20.41
C ASP A 291 -7.68 9.32 20.06
N ARG A 292 -8.60 10.15 19.58
CA ARG A 292 -8.20 11.45 19.04
C ARG A 292 -7.56 12.33 20.12
N GLN A 293 -6.42 12.91 19.78
CA GLN A 293 -5.61 13.70 20.71
C GLN A 293 -5.73 15.19 20.50
N SER A 294 -5.83 15.63 19.25
CA SER A 294 -5.76 17.05 18.93
C SER A 294 -6.97 17.48 18.13
N TYR A 295 -7.36 18.74 18.31
CA TYR A 295 -8.54 19.33 17.69
C TYR A 295 -8.16 20.65 17.01
N ASN A 296 -7.09 20.60 16.22
CA ASN A 296 -6.69 21.78 15.47
C ASN A 296 -7.40 21.87 14.13
N TYR A 297 -8.17 20.84 13.74
CA TYR A 297 -9.01 20.89 12.54
C TYR A 297 -10.39 20.33 12.92
N THR A 298 -11.26 21.18 13.44
CA THR A 298 -12.56 20.71 13.87
C THR A 298 -13.62 21.78 13.64
N SER A 299 -14.85 21.31 13.46
CA SER A 299 -16.03 22.16 13.53
C SER A 299 -16.73 22.11 14.88
N LYS A 300 -16.31 21.22 15.77
CA LYS A 300 -16.94 21.13 17.09
C LYS A 300 -16.66 22.39 17.88
N THR A 301 -17.66 22.87 18.59
CA THR A 301 -17.57 24.14 19.29
C THR A 301 -17.41 24.01 20.79
N THR A 302 -17.63 22.80 21.34
CA THR A 302 -17.65 22.61 22.78
C THR A 302 -16.92 21.34 23.14
N ASP A 303 -16.45 21.27 24.39
CA ASP A 303 -15.84 20.04 24.87
C ASP A 303 -16.85 18.91 24.94
N SER A 304 -18.13 19.23 25.22
CA SER A 304 -19.14 18.17 25.27
C SER A 304 -19.26 17.46 23.94
N GLU A 305 -19.20 18.21 22.82
CA GLU A 305 -19.26 17.56 21.51
C GLU A 305 -18.05 16.68 21.28
N LYS A 306 -16.87 17.13 21.73
CA LYS A 306 -15.66 16.33 21.56
C LYS A 306 -15.76 15.04 22.35
N VAL A 307 -16.27 15.11 23.58
CA VAL A 307 -16.44 13.90 24.38
C VAL A 307 -17.49 12.99 23.77
N ALA A 308 -18.57 13.57 23.25
CA ALA A 308 -19.61 12.76 22.60
C ALA A 308 -19.04 11.97 21.43
N THR A 309 -18.25 12.63 20.59
CA THR A 309 -17.71 11.92 19.42
C THR A 309 -16.71 10.85 19.84
N LYS A 310 -15.87 11.13 20.83
CA LYS A 310 -14.94 10.10 21.31
C LYS A 310 -15.70 8.88 21.81
N LYS A 311 -16.77 9.09 22.58
CA LYS A 311 -17.54 7.95 23.07
C LYS A 311 -18.24 7.21 21.93
N ALA A 312 -18.80 7.95 20.98
CA ALA A 312 -19.46 7.29 19.84
C ALA A 312 -18.48 6.41 19.06
N LEU A 313 -17.27 6.91 18.79
CA LEU A 313 -16.34 6.14 17.98
C LEU A 313 -15.81 4.89 18.70
N LEU A 314 -15.92 4.84 20.03
CA LEU A 314 -15.57 3.63 20.77
C LEU A 314 -16.70 2.60 20.76
N ASN A 315 -17.88 2.98 20.27
CA ASN A 315 -19.04 2.10 20.27
C ASN A 315 -19.08 1.31 18.96
N LYS A 316 -18.99 -0.02 19.07
CA LYS A 316 -18.92 -0.84 17.86
C LYS A 316 -20.16 -0.68 17.01
N ASP A 317 -21.34 -0.59 17.64
CA ASP A 317 -22.57 -0.50 16.88
C ASP A 317 -22.64 0.80 16.10
N PHE A 318 -22.11 1.89 16.68
CA PHE A 318 -22.02 3.16 15.96
C PHE A 318 -21.12 3.02 14.73
N ARG A 319 -19.95 2.38 14.90
CA ARG A 319 -19.05 2.19 13.77
C ARG A 319 -19.68 1.29 12.71
N GLN A 320 -20.39 0.25 13.14
CA GLN A 320 -21.08 -0.60 12.19
C GLN A 320 -22.12 0.18 11.40
N ALA A 321 -22.81 1.11 12.07
CA ALA A 321 -23.81 1.91 11.37
C ALA A 321 -23.16 2.73 10.26
N LEU A 322 -21.99 3.31 10.52
CA LEU A 322 -21.29 4.04 9.46
C LEU A 322 -20.88 3.10 8.34
N ASN A 323 -20.38 1.93 8.71
CA ASN A 323 -19.91 0.94 7.74
C ASN A 323 -21.05 0.49 6.82
N PHE A 324 -22.20 0.18 7.39
CA PHE A 324 -23.34 -0.29 6.64
C PHE A 324 -24.08 0.83 5.91
N ALA A 325 -23.89 2.09 6.34
CA ALA A 325 -24.54 3.19 5.66
C ALA A 325 -23.77 3.66 4.44
N LEU A 326 -22.50 3.31 4.31
CA LEU A 326 -21.68 3.78 3.19
C LEU A 326 -22.08 3.06 1.91
N ASP A 327 -22.57 3.81 0.94
CA ASP A 327 -22.87 3.28 -0.40
C ASP A 327 -21.55 3.28 -1.18
N ARG A 328 -20.92 2.11 -1.29
CA ARG A 328 -19.59 2.05 -1.91
C ARG A 328 -19.66 2.25 -3.42
N SER A 329 -20.76 1.87 -4.06
CA SER A 329 -20.89 2.13 -5.48
C SER A 329 -20.91 3.63 -5.76
N ALA A 330 -21.67 4.39 -4.96
CA ALA A 330 -21.73 5.83 -5.14
C ALA A 330 -20.40 6.48 -4.80
N TYR A 331 -19.71 5.96 -3.79
CA TYR A 331 -18.38 6.47 -3.45
C TYR A 331 -17.43 6.25 -4.61
N SER A 332 -17.38 5.01 -5.12
CA SER A 332 -16.53 4.70 -6.27
C SER A 332 -16.94 5.48 -7.50
N ALA A 333 -18.24 5.73 -7.69
CA ALA A 333 -18.70 6.47 -8.85
C ALA A 333 -18.16 7.90 -8.89
N GLN A 334 -17.72 8.45 -7.75
CA GLN A 334 -17.18 9.80 -7.76
C GLN A 334 -15.88 9.91 -8.55
N ILE A 335 -15.15 8.81 -8.70
CA ILE A 335 -13.98 8.81 -9.57
C ILE A 335 -14.17 7.95 -10.81
N ASN A 336 -15.09 6.98 -10.79
CA ASN A 336 -15.22 6.02 -11.87
C ASN A 336 -16.47 6.18 -12.72
N GLY A 337 -17.38 7.09 -12.36
CA GLY A 337 -18.68 7.15 -12.99
C GLY A 337 -19.58 6.02 -12.54
N LYS A 338 -20.88 6.10 -12.88
CA LYS A 338 -21.82 5.11 -12.36
C LYS A 338 -21.62 3.74 -13.01
N ASP A 339 -21.28 3.70 -14.30
CA ASP A 339 -21.24 2.42 -15.01
C ASP A 339 -20.05 1.58 -14.56
N GLY A 340 -18.90 2.19 -14.32
CA GLY A 340 -17.74 1.45 -13.88
C GLY A 340 -17.56 1.37 -12.37
N ALA A 341 -18.54 1.86 -11.59
CA ALA A 341 -18.32 2.06 -10.16
C ALA A 341 -18.12 0.75 -9.41
N ALA A 342 -18.95 -0.26 -9.69
CA ALA A 342 -18.91 -1.47 -8.87
C ALA A 342 -17.60 -2.22 -9.00
N LEU A 343 -16.91 -2.10 -10.13
CA LEU A 343 -15.69 -2.86 -10.38
C LEU A 343 -14.65 -2.69 -9.27
N ALA A 344 -14.54 -1.47 -8.74
CA ALA A 344 -13.51 -1.14 -7.77
C ALA A 344 -13.90 -1.42 -6.33
N VAL A 345 -15.15 -1.79 -6.07
CA VAL A 345 -15.61 -1.90 -4.69
C VAL A 345 -14.92 -3.07 -3.99
N ARG A 346 -14.54 -2.85 -2.72
CA ARG A 346 -13.91 -3.89 -1.92
C ARG A 346 -14.53 -3.86 -0.53
N ASN A 347 -14.74 -5.05 0.03
CA ASN A 347 -15.48 -5.25 1.28
C ASN A 347 -14.62 -5.76 2.41
N LEU A 348 -13.32 -5.90 2.20
CA LEU A 348 -12.42 -6.57 3.14
C LEU A 348 -11.07 -5.86 3.08
N PHE A 349 -10.43 -5.72 4.24
CA PHE A 349 -9.08 -5.14 4.28
C PHE A 349 -8.10 -5.97 3.44
N VAL A 350 -8.02 -7.27 3.70
CA VAL A 350 -7.26 -8.17 2.83
C VAL A 350 -8.06 -8.41 1.55
N LYS A 351 -7.41 -8.25 0.39
CA LYS A 351 -8.07 -8.58 -0.87
C LYS A 351 -8.61 -10.01 -0.82
N PRO A 352 -9.88 -10.25 -1.18
CA PRO A 352 -10.48 -11.56 -0.91
C PRO A 352 -9.74 -12.74 -1.50
N ASP A 353 -9.09 -12.60 -2.66
CA ASP A 353 -8.37 -13.72 -3.24
C ASP A 353 -6.86 -13.58 -3.08
N PHE A 354 -6.40 -12.79 -2.11
CA PHE A 354 -4.97 -12.60 -1.88
C PHE A 354 -4.25 -13.92 -1.66
N VAL A 355 -4.86 -14.83 -0.90
CA VAL A 355 -4.41 -16.22 -0.76
C VAL A 355 -5.65 -17.10 -0.80
N SER A 356 -5.42 -18.40 -0.96
CA SER A 356 -6.48 -19.38 -0.87
C SER A 356 -5.99 -20.57 -0.06
N ALA A 357 -6.94 -21.29 0.52
CA ALA A 357 -6.67 -22.58 1.17
C ALA A 357 -7.41 -23.61 0.34
N GLY A 358 -6.67 -24.31 -0.52
CA GLY A 358 -7.31 -25.16 -1.50
C GLY A 358 -8.26 -24.35 -2.36
N GLU A 359 -9.52 -24.78 -2.41
CA GLU A 359 -10.54 -24.16 -3.23
C GLU A 359 -11.18 -22.94 -2.58
N LYS A 360 -10.84 -22.66 -1.34
CA LYS A 360 -11.47 -21.52 -0.67
C LYS A 360 -10.56 -20.29 -0.71
N THR A 361 -11.12 -19.19 -1.18
CA THR A 361 -10.41 -17.93 -1.07
C THR A 361 -10.35 -17.47 0.38
N PHE A 362 -9.43 -16.53 0.63
CA PHE A 362 -9.37 -15.92 1.96
C PHE A 362 -10.73 -15.32 2.33
N GLY A 363 -11.39 -14.67 1.38
CA GLY A 363 -12.73 -14.15 1.63
C GLY A 363 -13.72 -15.23 2.06
N ASP A 364 -13.67 -16.40 1.41
CA ASP A 364 -14.52 -17.51 1.81
C ASP A 364 -14.26 -17.91 3.25
N LEU A 365 -12.98 -17.96 3.64
CA LEU A 365 -12.65 -18.37 5.00
C LEU A 365 -13.16 -17.34 6.00
N VAL A 366 -13.09 -16.06 5.65
CA VAL A 366 -13.60 -15.03 6.55
C VAL A 366 -15.11 -15.13 6.67
N ALA A 367 -15.80 -15.32 5.54
CA ALA A 367 -17.26 -15.37 5.57
C ALA A 367 -17.76 -16.51 6.43
N ALA A 368 -16.99 -17.61 6.51
CA ALA A 368 -17.41 -18.75 7.32
C ALA A 368 -17.27 -18.49 8.81
N GLN A 369 -16.42 -17.54 9.19
CA GLN A 369 -16.19 -17.26 10.60
C GLN A 369 -16.95 -16.03 11.10
N LEU A 370 -17.30 -15.12 10.20
CA LEU A 370 -17.99 -13.89 10.61
C LEU A 370 -19.31 -14.10 11.33
N PRO A 371 -20.17 -15.07 10.97
CA PRO A 371 -21.47 -15.15 11.63
C PRO A 371 -21.43 -15.39 13.13
N ALA A 372 -20.30 -15.85 13.69
CA ALA A 372 -20.24 -15.94 15.14
C ALA A 372 -20.50 -14.59 15.79
N TYR A 373 -20.07 -13.50 15.14
CA TYR A 373 -20.23 -12.15 15.67
C TYR A 373 -21.65 -11.61 15.52
N GLY A 374 -22.47 -12.24 14.69
CA GLY A 374 -23.85 -11.82 14.58
C GLY A 374 -24.55 -12.35 13.36
N ASP A 375 -25.86 -12.59 13.46
CA ASP A 375 -26.61 -13.09 12.32
C ASP A 375 -26.64 -12.11 11.16
N GLU A 376 -26.38 -10.83 11.42
CA GLU A 376 -26.33 -9.85 10.35
C GLU A 376 -25.27 -10.19 9.31
N TRP A 377 -24.30 -11.04 9.66
CA TRP A 377 -23.26 -11.46 8.73
C TRP A 377 -23.59 -12.73 7.96
N LYS A 378 -24.67 -13.43 8.30
CA LYS A 378 -25.02 -14.62 7.54
C LYS A 378 -25.40 -14.24 6.12
N GLY A 379 -24.81 -14.95 5.15
CA GLY A 379 -25.08 -14.66 3.76
C GLY A 379 -24.25 -13.52 3.20
N VAL A 380 -23.33 -12.97 3.97
CA VAL A 380 -22.54 -11.83 3.50
C VAL A 380 -21.74 -12.23 2.28
N ASN A 381 -21.72 -11.34 1.30
CA ASN A 381 -20.85 -11.50 0.13
C ASN A 381 -19.69 -10.54 0.29
N LEU A 382 -18.49 -11.08 0.47
CA LEU A 382 -17.29 -10.26 0.64
C LEU A 382 -16.48 -10.12 -0.64
N ALA A 383 -16.98 -10.62 -1.76
CA ALA A 383 -16.23 -10.57 -3.00
C ALA A 383 -16.06 -9.15 -3.53
N ASP A 384 -14.92 -8.92 -4.20
CA ASP A 384 -14.71 -7.68 -4.91
C ASP A 384 -15.78 -7.47 -5.98
N GLY A 385 -16.00 -6.22 -6.33
CA GLY A 385 -16.81 -5.91 -7.50
C GLY A 385 -18.28 -5.79 -7.24
N GLN A 386 -18.69 -5.81 -5.97
CA GLN A 386 -20.07 -5.64 -5.56
C GLN A 386 -20.02 -5.11 -4.14
N ASP A 387 -21.06 -4.37 -3.75
CA ASP A 387 -21.10 -3.81 -2.40
C ASP A 387 -21.84 -4.79 -1.50
N GLY A 388 -21.09 -5.53 -0.70
CA GLY A 388 -21.66 -6.51 0.20
C GLY A 388 -21.97 -5.99 1.58
N LEU A 389 -21.50 -4.78 1.90
CA LEU A 389 -21.66 -4.23 3.23
C LEU A 389 -22.77 -3.19 3.33
N PHE A 390 -23.07 -2.46 2.26
CA PHE A 390 -24.12 -1.45 2.32
C PHE A 390 -25.47 -2.08 2.57
N ASN A 391 -26.14 -1.62 3.63
CA ASN A 391 -27.48 -2.12 3.95
C ASN A 391 -28.10 -1.07 4.87
N ALA A 392 -28.98 -0.25 4.31
CA ALA A 392 -29.58 0.84 5.07
C ALA A 392 -30.33 0.34 6.29
N ASP A 393 -31.08 -0.77 6.13
CA ASP A 393 -31.86 -1.30 7.25
C ASP A 393 -30.96 -1.74 8.39
N LYS A 394 -29.86 -2.44 8.06
CA LYS A 394 -28.93 -2.88 9.09
C LYS A 394 -28.19 -1.68 9.70
N ALA A 395 -27.86 -0.67 8.89
CA ALA A 395 -27.23 0.53 9.42
C ALA A 395 -28.13 1.20 10.47
N LYS A 396 -29.40 1.39 10.13
CA LYS A 396 -30.31 2.03 11.07
C LYS A 396 -30.51 1.18 12.32
N ALA A 397 -30.57 -0.14 12.15
CA ALA A 397 -30.74 -1.02 13.31
C ALA A 397 -29.55 -0.94 14.25
N GLU A 398 -28.33 -0.97 13.70
CA GLU A 398 -27.15 -0.83 14.53
C GLU A 398 -27.09 0.55 15.17
N PHE A 399 -27.49 1.59 14.44
CA PHE A 399 -27.44 2.92 15.03
C PHE A 399 -28.42 3.04 16.19
N ALA A 400 -29.60 2.43 16.08
CA ALA A 400 -30.56 2.50 17.16
C ALA A 400 -29.99 1.89 18.44
N LYS A 401 -29.25 0.78 18.30
CA LYS A 401 -28.62 0.19 19.47
C LYS A 401 -27.56 1.11 20.04
N ALA A 402 -26.72 1.68 19.16
CA ALA A 402 -25.69 2.61 19.60
C ALA A 402 -26.31 3.81 20.31
N LYS A 403 -27.38 4.37 19.74
CA LYS A 403 -27.96 5.58 20.31
C LYS A 403 -28.52 5.32 21.69
N LYS A 404 -29.18 4.17 21.88
CA LYS A 404 -29.68 3.80 23.20
C LYS A 404 -28.55 3.74 24.22
N ALA A 405 -27.46 3.05 23.86
CA ALA A 405 -26.34 2.88 24.77
C ALA A 405 -25.66 4.21 25.07
N LEU A 406 -25.48 5.05 24.04
CA LEU A 406 -24.75 6.29 24.22
C LEU A 406 -25.58 7.31 24.98
N GLU A 407 -26.89 7.40 24.69
CA GLU A 407 -27.74 8.32 25.44
C GLU A 407 -27.80 7.93 26.91
N ALA A 408 -27.74 6.64 27.22
CA ALA A 408 -27.71 6.24 28.61
C ALA A 408 -26.43 6.68 29.31
N ASP A 409 -25.38 7.00 28.55
CA ASP A 409 -24.15 7.52 29.11
C ASP A 409 -24.07 9.04 29.01
N GLY A 410 -25.18 9.70 28.70
CA GLY A 410 -25.23 11.14 28.67
C GLY A 410 -24.88 11.79 27.35
N VAL A 411 -24.64 11.01 26.30
CA VAL A 411 -24.17 11.56 25.03
C VAL A 411 -25.32 12.23 24.30
N GLN A 412 -25.07 13.44 23.82
CA GLN A 412 -26.06 14.19 23.06
C GLN A 412 -25.81 14.05 21.56
N PHE A 413 -26.90 14.00 20.79
CA PHE A 413 -26.86 13.81 19.35
C PHE A 413 -27.33 15.08 18.64
N PRO A 414 -26.89 15.31 17.40
CA PRO A 414 -26.07 14.42 16.55
C PRO A 414 -24.60 14.33 16.93
N ILE A 415 -23.99 13.22 16.56
CA ILE A 415 -22.53 13.07 16.65
C ILE A 415 -21.90 13.80 15.47
N HIS A 416 -20.98 14.72 15.76
CA HIS A 416 -20.22 15.45 14.73
C HIS A 416 -18.92 14.71 14.41
N LEU A 417 -18.66 14.49 13.12
CA LEU A 417 -17.47 13.77 12.66
C LEU A 417 -16.66 14.68 11.75
N ASP A 418 -15.42 14.98 12.16
CA ASP A 418 -14.51 15.75 11.31
C ASP A 418 -13.84 14.83 10.30
N VAL A 419 -13.94 15.18 9.02
CA VAL A 419 -13.25 14.46 7.95
C VAL A 419 -12.44 15.48 7.15
N PRO A 420 -11.11 15.38 7.14
CA PRO A 420 -10.31 16.39 6.44
C PRO A 420 -10.18 16.10 4.96
N VAL A 421 -10.06 17.17 4.18
CA VAL A 421 -9.83 17.05 2.73
C VAL A 421 -8.79 18.09 2.32
N ASP A 422 -8.03 17.74 1.29
CA ASP A 422 -7.18 18.69 0.59
C ASP A 422 -8.06 19.46 -0.38
N GLN A 423 -8.10 20.78 -0.25
CA GLN A 423 -8.95 21.58 -1.12
C GLN A 423 -8.53 21.49 -2.59
N ALA A 424 -7.31 21.03 -2.87
CA ALA A 424 -6.87 20.92 -4.26
C ALA A 424 -7.42 19.68 -4.96
N SER A 425 -7.69 18.59 -4.26
CA SER A 425 -8.08 17.35 -4.93
C SER A 425 -9.59 17.27 -5.05
N LYS A 426 -10.12 17.73 -6.19
CA LYS A 426 -11.55 17.82 -6.41
C LYS A 426 -12.25 16.47 -6.24
N ASN A 427 -11.66 15.39 -6.77
CA ASN A 427 -12.43 14.15 -6.66
C ASN A 427 -12.21 13.44 -5.33
N TYR A 428 -11.25 13.87 -4.51
CA TYR A 428 -11.25 13.40 -3.13
C TYR A 428 -12.38 14.08 -2.35
N ILE A 429 -12.55 15.39 -2.54
CA ILE A 429 -13.68 16.09 -1.95
C ILE A 429 -14.99 15.42 -2.33
N SER A 430 -15.15 15.07 -3.62
CA SER A 430 -16.39 14.44 -4.06
CA SER A 430 -16.42 14.46 -4.02
C SER A 430 -16.63 13.10 -3.37
N ARG A 431 -15.55 12.31 -3.19
CA ARG A 431 -15.69 11.04 -2.45
C ARG A 431 -16.14 11.28 -1.02
N ILE A 432 -15.50 12.24 -0.32
CA ILE A 432 -15.88 12.48 1.07
C ILE A 432 -17.30 13.05 1.13
N GLN A 433 -17.70 13.87 0.14
CA GLN A 433 -19.07 14.35 0.11
C GLN A 433 -20.06 13.21 -0.10
N SER A 434 -19.66 12.19 -0.85
CA SER A 434 -20.53 11.02 -1.02
C SER A 434 -20.66 10.24 0.29
N PHE A 435 -19.55 10.08 1.03
CA PHE A 435 -19.61 9.50 2.37
C PHE A 435 -20.57 10.27 3.25
N LYS A 436 -20.43 11.60 3.26
CA LYS A 436 -21.30 12.46 4.07
C LYS A 436 -22.77 12.27 3.68
N GLN A 437 -23.05 12.27 2.38
CA GLN A 437 -24.43 12.13 1.93
C GLN A 437 -24.97 10.75 2.30
N SER A 438 -24.16 9.71 2.18
CA SER A 438 -24.60 8.36 2.55
C SER A 438 -24.97 8.29 4.02
N VAL A 439 -24.05 8.70 4.87
CA VAL A 439 -24.22 8.58 6.31
C VAL A 439 -25.38 9.46 6.78
N GLU A 440 -25.44 10.70 6.31
CA GLU A 440 -26.47 11.60 6.78
C GLU A 440 -27.85 11.19 6.26
N THR A 441 -27.93 10.73 5.01
CA THR A 441 -29.26 10.36 4.49
C THR A 441 -29.77 9.07 5.14
N VAL A 442 -28.90 8.08 5.32
CA VAL A 442 -29.32 6.80 5.89
C VAL A 442 -29.61 6.94 7.38
N LEU A 443 -28.72 7.60 8.12
CA LEU A 443 -28.85 7.63 9.57
C LEU A 443 -29.60 8.85 10.08
N GLY A 444 -29.62 9.93 9.31
CA GLY A 444 -30.32 11.14 9.71
C GLY A 444 -29.37 12.18 10.25
N VAL A 445 -29.51 13.43 9.78
CA VAL A 445 -28.65 14.50 10.27
C VAL A 445 -28.95 14.87 11.71
N GLU A 446 -30.08 14.43 12.27
CA GLU A 446 -30.29 14.59 13.71
C GLU A 446 -29.44 13.60 14.50
N ASN A 447 -28.84 12.63 13.83
CA ASN A 447 -28.05 11.59 14.48
C ASN A 447 -26.56 11.69 14.19
N VAL A 448 -26.17 11.99 12.95
CA VAL A 448 -24.77 12.10 12.57
C VAL A 448 -24.62 13.27 11.60
N VAL A 449 -23.63 14.13 11.86
CA VAL A 449 -23.26 15.23 10.98
C VAL A 449 -21.80 15.04 10.60
N VAL A 450 -21.52 15.03 9.30
CA VAL A 450 -20.14 14.97 8.81
C VAL A 450 -19.69 16.38 8.51
N ASP A 451 -18.65 16.84 9.21
CA ASP A 451 -18.08 18.18 9.08
C ASP A 451 -16.79 18.07 8.28
N ILE A 452 -16.83 18.47 7.02
CA ILE A 452 -15.66 18.37 6.15
C ILE A 452 -14.74 19.54 6.44
N GLN A 453 -13.47 19.24 6.73
CA GLN A 453 -12.46 20.24 7.09
C GLN A 453 -11.56 20.44 5.88
N GLN A 454 -11.69 21.60 5.24
CA GLN A 454 -10.89 21.92 4.06
C GLN A 454 -9.58 22.57 4.46
N MET A 455 -8.49 22.15 3.82
CA MET A 455 -7.17 22.71 4.13
C MET A 455 -6.28 22.56 2.90
N THR A 456 -5.09 23.15 2.98
CA THR A 456 -4.15 23.05 1.87
C THR A 456 -3.60 21.63 1.76
N SER A 457 -2.93 21.36 0.64
CA SER A 457 -2.34 20.04 0.41
CA SER A 457 -2.34 20.05 0.40
C SER A 457 -1.32 19.71 1.48
N ASP A 458 -0.42 20.64 1.79
CA ASP A 458 0.61 20.37 2.79
C ASP A 458 -0.02 20.18 4.17
N GLU A 459 -1.04 20.98 4.50
CA GLU A 459 -1.71 20.80 5.79
C GLU A 459 -2.38 19.44 5.88
N PHE A 460 -3.01 18.99 4.79
CA PHE A 460 -3.66 17.69 4.78
C PHE A 460 -2.66 16.56 4.94
N LEU A 461 -1.53 16.63 4.21
CA LEU A 461 -0.52 15.59 4.35
C LEU A 461 0.02 15.53 5.77
N ASN A 462 0.14 16.67 6.42
CA ASN A 462 0.74 16.72 7.76
C ASN A 462 -0.14 16.09 8.83
N ILE A 463 -1.43 15.91 8.59
CA ILE A 463 -2.32 15.25 9.54
C ILE A 463 -2.77 13.88 9.04
N THR A 464 -2.27 13.43 7.89
CA THR A 464 -2.63 12.10 7.41
C THR A 464 -1.38 11.33 6.98
N TYR A 465 -1.06 11.40 5.68
CA TYR A 465 0.05 10.62 5.11
C TYR A 465 1.35 10.83 5.87
N TYR A 466 1.67 12.08 6.20
CA TYR A 466 2.94 12.40 6.82
C TYR A 466 2.79 12.79 8.29
N ALA A 467 1.69 12.37 8.93
CA ALA A 467 1.53 12.66 10.34
C ALA A 467 2.69 12.06 11.14
N ALA A 468 3.27 12.86 12.03
CA ALA A 468 4.44 12.41 12.77
C ALA A 468 4.09 11.44 13.89
N ASN A 469 2.89 11.52 14.45
CA ASN A 469 2.54 10.77 15.64
C ASN A 469 1.01 10.83 15.79
N ALA A 470 0.51 10.19 16.84
CA ALA A 470 -0.94 10.17 17.03
C ALA A 470 -1.50 11.56 17.30
N SER A 471 -0.73 12.45 17.94
CA SER A 471 -1.21 13.79 18.20
C SER A 471 -1.50 14.52 16.90
N SER A 472 -0.83 14.15 15.82
CA SER A 472 -0.98 14.78 14.53
C SER A 472 -2.14 14.22 13.72
N GLU A 473 -2.76 13.11 14.15
CA GLU A 473 -3.87 12.51 13.40
C GLU A 473 -5.15 13.26 13.77
N ASP A 474 -5.27 14.45 13.19
CA ASP A 474 -6.27 15.44 13.58
C ASP A 474 -7.53 15.24 12.74
N TRP A 475 -8.31 14.23 13.11
CA TRP A 475 -9.50 13.84 12.35
C TRP A 475 -10.26 12.80 13.15
N ASP A 476 -11.55 12.66 12.84
CA ASP A 476 -12.37 11.61 13.42
C ASP A 476 -12.47 10.39 12.50
N VAL A 477 -12.68 10.64 11.22
CA VAL A 477 -12.69 9.60 10.19
C VAL A 477 -11.89 10.15 9.03
N SER A 478 -11.11 9.31 8.37
CA SER A 478 -10.29 9.81 7.27
C SER A 478 -10.08 8.73 6.24
N GLY A 479 -10.23 9.11 4.97
CA GLY A 479 -9.91 8.22 3.88
C GLY A 479 -8.63 8.56 3.14
N GLY A 480 -7.73 9.30 3.80
CA GLY A 480 -6.60 9.90 3.12
C GLY A 480 -5.48 8.95 2.75
N VAL A 481 -5.38 7.79 3.41
CA VAL A 481 -4.22 6.93 3.24
C VAL A 481 -4.67 5.49 3.00
N SER A 482 -4.11 4.86 1.99
CA SER A 482 -4.36 3.45 1.68
CA SER A 482 -4.38 3.45 1.68
C SER A 482 -3.21 2.59 2.18
N TRP A 483 -3.41 1.27 2.16
CA TRP A 483 -2.37 0.33 2.53
C TRP A 483 -2.20 -0.71 1.44
N GLY A 484 -0.95 -0.88 0.98
CA GLY A 484 -0.64 -1.94 0.04
C GLY A 484 0.22 -3.02 0.68
N PRO A 485 0.02 -4.28 0.29
CA PRO A 485 0.77 -5.38 0.92
C PRO A 485 2.24 -5.38 0.54
N ASP A 486 3.09 -5.73 1.51
CA ASP A 486 4.54 -5.70 1.33
C ASP A 486 5.14 -7.06 0.98
N TYR A 487 4.44 -8.17 1.22
CA TYR A 487 4.94 -9.51 0.95
C TYR A 487 3.74 -10.47 0.94
N GLN A 488 4.00 -11.66 0.47
CA GLN A 488 2.89 -12.63 0.15
CA GLN A 488 2.89 -12.59 0.19
C GLN A 488 2.35 -13.53 1.32
N ASP A 489 1.76 -12.81 2.30
CA ASP A 489 1.17 -13.48 3.45
C ASP A 489 0.14 -12.56 4.06
N PRO A 490 -1.00 -13.05 4.58
CA PRO A 490 -1.99 -12.12 5.15
C PRO A 490 -1.46 -11.26 6.28
N SER A 491 -0.38 -11.68 6.95
CA SER A 491 0.18 -10.86 8.02
C SER A 491 0.56 -9.46 7.55
N THR A 492 0.88 -9.29 6.26
CA THR A 492 1.30 -7.97 5.79
C THR A 492 0.16 -6.95 5.86
N TYR A 493 -1.08 -7.42 5.80
CA TYR A 493 -2.23 -6.55 6.05
C TYR A 493 -2.60 -6.51 7.53
N LEU A 494 -2.59 -7.66 8.21
CA LEU A 494 -3.26 -7.72 9.49
C LEU A 494 -2.35 -7.40 10.67
N ASP A 495 -1.03 -7.63 10.53
CA ASP A 495 -0.12 -7.33 11.62
C ASP A 495 -0.05 -5.84 11.91
N ILE A 496 -0.31 -4.99 10.91
CA ILE A 496 -0.09 -3.56 11.07
C ILE A 496 -1.17 -2.89 11.88
N LEU A 497 -2.23 -3.61 12.25
CA LEU A 497 -3.27 -3.07 13.11
C LEU A 497 -3.22 -3.62 14.52
N LYS A 498 -2.26 -4.49 14.82
CA LYS A 498 -2.03 -4.92 16.20
C LYS A 498 -1.77 -3.72 17.08
N THR A 499 -2.11 -3.85 18.37
CA THR A 499 -1.97 -2.71 19.27
C THR A 499 -0.52 -2.23 19.38
N THR A 500 0.45 -3.10 19.09
CA THR A 500 1.86 -2.77 19.23
C THR A 500 2.49 -2.22 17.96
N SER A 501 1.73 -2.15 16.86
CA SER A 501 2.29 -1.74 15.58
C SER A 501 2.10 -0.23 15.39
N SER A 502 2.79 0.53 16.26
CA SER A 502 2.50 1.94 16.43
C SER A 502 2.76 2.77 15.18
N GLU A 503 3.70 2.35 14.32
CA GLU A 503 3.95 3.14 13.12
C GLU A 503 2.73 3.19 12.22
N THR A 504 1.94 2.11 12.18
CA THR A 504 0.79 2.04 11.30
C THR A 504 -0.53 2.23 12.02
N THR A 505 -0.63 1.91 13.31
CA THR A 505 -1.90 2.11 13.99
C THR A 505 -2.27 3.59 14.02
N LYS A 506 -1.28 4.48 14.06
CA LYS A 506 -1.63 5.90 14.08
C LYS A 506 -2.30 6.31 12.77
N THR A 507 -1.86 5.74 11.65
CA THR A 507 -2.34 6.14 10.33
C THR A 507 -3.78 5.73 10.10
N TYR A 508 -4.15 4.52 10.54
CA TYR A 508 -5.45 3.98 10.19
C TYR A 508 -6.44 4.04 11.34
N LEU A 509 -5.95 4.14 12.58
CA LEU A 509 -6.81 4.07 13.77
C LEU A 509 -6.54 5.18 14.77
N GLY A 510 -5.59 6.06 14.49
CA GLY A 510 -5.41 7.28 15.28
C GLY A 510 -4.64 7.13 16.58
N PHE A 511 -4.08 5.97 16.89
CA PHE A 511 -3.42 5.79 18.17
C PHE A 511 -2.01 5.27 17.95
N ASP A 512 -1.09 5.66 18.85
CA ASP A 512 0.25 5.10 18.84
C ASP A 512 0.66 4.61 20.22
N ASN A 513 -0.27 4.53 21.16
CA ASN A 513 -0.01 4.05 22.51
C ASN A 513 -0.63 2.67 22.67
N PRO A 514 0.17 1.60 22.71
CA PRO A 514 -0.42 0.26 22.80
C PRO A 514 -1.26 0.05 24.05
N ASN A 515 -1.08 0.87 25.08
CA ASN A 515 -1.79 0.72 26.34
C ASN A 515 -2.91 1.74 26.52
N SER A 516 -3.29 2.45 25.46
CA SER A 516 -4.36 3.43 25.59
C SER A 516 -5.66 2.73 25.99
N PRO A 517 -6.43 3.32 26.92
CA PRO A 517 -7.72 2.72 27.27
C PRO A 517 -8.73 2.67 26.14
N SER A 518 -8.62 3.57 25.14
CA SER A 518 -9.50 3.44 23.98
C SER A 518 -9.22 2.16 23.22
N VAL A 519 -7.94 1.79 23.14
CA VAL A 519 -7.54 0.57 22.44
C VAL A 519 -8.12 -0.66 23.12
N VAL A 520 -8.06 -0.70 24.46
CA VAL A 520 -8.63 -1.81 25.20
C VAL A 520 -10.14 -1.84 25.05
N GLN A 521 -10.80 -0.70 25.12
CA GLN A 521 -12.26 -0.67 25.07
C GLN A 521 -12.85 -1.20 23.77
N VAL A 522 -12.15 -1.04 22.64
CA VAL A 522 -12.69 -1.57 21.39
C VAL A 522 -12.27 -3.01 21.13
N GLY A 523 -11.55 -3.63 22.05
CA GLY A 523 -11.29 -5.07 21.95
C GLY A 523 -10.06 -5.46 21.18
N LEU A 524 -9.18 -4.50 20.86
CA LEU A 524 -8.04 -4.81 20.00
C LEU A 524 -7.08 -5.80 20.66
N LYS A 525 -7.17 -5.99 21.97
CA LYS A 525 -6.36 -7.04 22.58
C LYS A 525 -6.79 -8.43 22.11
N GLU A 526 -8.10 -8.62 21.85
CA GLU A 526 -8.53 -9.91 21.30
C GLU A 526 -8.02 -10.07 19.87
N TYR A 527 -8.02 -9.00 19.10
CA TYR A 527 -7.44 -9.02 17.76
C TYR A 527 -5.97 -9.43 17.80
N ASP A 528 -5.20 -8.84 18.71
CA ASP A 528 -3.80 -9.23 18.90
C ASP A 528 -3.66 -10.74 19.07
N LYS A 529 -4.50 -11.34 19.92
CA LYS A 529 -4.36 -12.76 20.20
C LYS A 529 -4.73 -13.60 18.98
N LEU A 530 -5.68 -13.13 18.17
CA LEU A 530 -6.02 -13.88 16.97
C LEU A 530 -4.90 -13.80 15.95
N VAL A 531 -4.34 -12.60 15.76
CA VAL A 531 -3.21 -12.44 14.84
C VAL A 531 -2.02 -13.28 15.31
N ASP A 532 -1.74 -13.26 16.62
CA ASP A 532 -0.57 -13.96 17.11
C ASP A 532 -0.72 -15.47 17.02
N GLU A 533 -1.94 -15.98 17.21
CA GLU A 533 -2.18 -17.41 17.03
C GLU A 533 -1.97 -17.81 15.57
N ALA A 534 -2.38 -16.95 14.64
CA ALA A 534 -2.15 -17.22 13.22
C ALA A 534 -0.67 -17.20 12.88
N ALA A 535 0.06 -16.21 13.42
CA ALA A 535 1.48 -16.06 13.12
C ALA A 535 2.27 -17.29 13.55
N ARG A 536 1.84 -17.96 14.63
CA ARG A 536 2.54 -19.12 15.13
C ARG A 536 2.41 -20.35 14.23
N GLU A 537 1.47 -20.34 13.28
CA GLU A 537 1.24 -21.50 12.42
C GLU A 537 2.21 -21.44 11.25
N THR A 538 3.27 -22.24 11.32
CA THR A 538 4.28 -22.30 10.28
C THR A 538 4.41 -23.67 9.63
N SER A 539 3.60 -24.65 10.05
CA SER A 539 3.71 -26.00 9.53
C SER A 539 2.56 -26.40 8.61
N ASP A 540 1.61 -25.49 8.33
CA ASP A 540 0.43 -25.84 7.54
C ASP A 540 -0.18 -24.53 7.04
N LEU A 541 0.05 -24.21 5.75
CA LEU A 541 -0.37 -22.92 5.24
C LEU A 541 -1.89 -22.78 5.24
N ASN A 542 -2.61 -23.85 4.93
CA ASN A 542 -4.07 -23.77 4.93
C ASN A 542 -4.58 -23.38 6.31
N VAL A 543 -4.01 -23.97 7.35
CA VAL A 543 -4.40 -23.65 8.72
C VAL A 543 -3.98 -22.24 9.09
N ARG A 544 -2.78 -21.83 8.66
CA ARG A 544 -2.34 -20.45 8.89
C ARG A 544 -3.34 -19.46 8.30
N TYR A 545 -3.83 -19.73 7.10
CA TYR A 545 -4.75 -18.80 6.45
C TYR A 545 -6.11 -18.82 7.13
N GLU A 546 -6.58 -19.99 7.56
CA GLU A 546 -7.82 -20.05 8.31
C GLU A 546 -7.71 -19.23 9.60
N LYS A 547 -6.57 -19.30 10.28
CA LYS A 547 -6.38 -18.54 11.50
C LYS A 547 -6.28 -17.03 11.23
N TYR A 548 -5.60 -16.62 10.15
CA TYR A 548 -5.62 -15.20 9.83
C TYR A 548 -7.02 -14.75 9.41
N ALA A 549 -7.81 -15.65 8.83
CA ALA A 549 -9.18 -15.29 8.50
C ALA A 549 -10.00 -15.01 9.74
N ALA A 550 -9.71 -15.69 10.86
CA ALA A 550 -10.36 -15.37 12.12
C ALA A 550 -10.05 -13.94 12.55
N ALA A 551 -8.81 -13.50 12.35
CA ALA A 551 -8.45 -12.12 12.70
C ALA A 551 -9.15 -11.13 11.78
N GLN A 552 -9.19 -11.41 10.48
CA GLN A 552 -9.92 -10.53 9.57
C GLN A 552 -11.40 -10.50 9.90
N ALA A 553 -11.98 -11.64 10.32
CA ALA A 553 -13.40 -11.63 10.68
C ALA A 553 -13.64 -10.69 11.87
N TRP A 554 -12.77 -10.75 12.88
CA TRP A 554 -12.84 -9.80 13.98
C TRP A 554 -12.79 -8.37 13.47
N LEU A 555 -11.84 -8.08 12.58
CA LEU A 555 -11.67 -6.72 12.08
C LEU A 555 -12.89 -6.25 11.30
N THR A 556 -13.45 -7.13 10.47
CA THR A 556 -14.64 -6.79 9.71
C THR A 556 -15.79 -6.43 10.64
N ASP A 557 -16.03 -7.26 11.65
CA ASP A 557 -17.11 -6.97 12.59
C ASP A 557 -16.83 -5.69 13.36
N SER A 558 -15.56 -5.45 13.70
CA SER A 558 -15.22 -4.32 14.56
C SER A 558 -15.55 -3.00 13.88
N SER A 559 -15.51 -2.98 12.54
CA SER A 559 -15.75 -1.79 11.74
C SER A 559 -14.82 -0.64 12.16
N LEU A 560 -13.61 -0.98 12.61
CA LEU A 560 -12.62 0.04 12.98
C LEU A 560 -11.99 0.67 11.77
N PHE A 561 -11.99 -0.07 10.66
CA PHE A 561 -11.64 0.47 9.35
C PHE A 561 -12.81 0.14 8.44
N ILE A 562 -13.25 1.12 7.67
CA ILE A 562 -14.39 0.94 6.78
C ILE A 562 -13.82 0.72 5.39
N PRO A 563 -13.79 -0.51 4.87
CA PRO A 563 -13.25 -0.71 3.53
C PRO A 563 -14.19 -0.15 2.48
N ALA A 564 -13.60 0.40 1.42
CA ALA A 564 -14.43 0.95 0.36
C ALA A 564 -14.06 0.45 -1.04
N MET A 565 -12.77 0.44 -1.40
CA MET A 565 -12.41 0.14 -2.77
CA MET A 565 -12.42 0.11 -2.77
C MET A 565 -10.96 -0.32 -2.83
N ALA A 566 -10.63 -0.98 -3.94
CA ALA A 566 -9.22 -1.22 -4.25
C ALA A 566 -8.52 0.13 -4.40
N SER A 567 -7.29 0.22 -3.89
CA SER A 567 -6.61 1.50 -3.91
C SER A 567 -6.00 1.84 -5.26
N SER A 568 -5.99 0.88 -6.19
CA SER A 568 -5.49 1.11 -7.53
C SER A 568 -6.20 0.13 -8.45
N GLY A 569 -6.05 0.35 -9.77
CA GLY A 569 -6.68 -0.55 -10.71
C GLY A 569 -8.18 -0.30 -10.80
N ALA A 570 -8.84 -1.24 -11.49
CA ALA A 570 -10.30 -1.19 -11.71
C ALA A 570 -10.70 0.19 -12.25
N ALA A 571 -9.94 0.64 -13.24
CA ALA A 571 -10.08 2.00 -13.76
C ALA A 571 -9.99 1.96 -15.27
N PRO A 572 -10.68 2.88 -15.95
CA PRO A 572 -10.48 3.04 -17.38
C PRO A 572 -9.19 3.80 -17.65
N VAL A 573 -8.41 3.33 -18.62
CA VAL A 573 -7.12 3.92 -18.90
C VAL A 573 -6.88 4.01 -20.41
N LEU A 574 -5.95 4.89 -20.76
CA LEU A 574 -5.32 4.94 -22.07
C LEU A 574 -3.84 4.64 -21.89
N SER A 575 -3.22 4.02 -22.88
CA SER A 575 -1.83 3.61 -22.70
C SER A 575 -1.10 3.59 -24.04
N ARG A 576 0.19 3.94 -24.00
CA ARG A 576 1.16 3.62 -25.04
C ARG A 576 2.17 2.58 -24.58
N ILE A 577 1.89 1.90 -23.48
CA ILE A 577 2.76 0.85 -22.98
C ILE A 577 2.35 -0.47 -23.61
N VAL A 578 3.31 -1.20 -24.16
CA VAL A 578 3.00 -2.49 -24.80
C VAL A 578 2.42 -3.42 -23.75
N PRO A 579 1.24 -4.00 -23.98
CA PRO A 579 0.55 -4.75 -22.93
C PRO A 579 1.37 -5.91 -22.38
N PHE A 580 1.40 -5.99 -21.05
CA PHE A 580 1.97 -7.12 -20.30
C PHE A 580 3.46 -7.27 -20.53
N THR A 581 4.15 -6.15 -20.80
CA THR A 581 5.60 -6.15 -20.81
C THR A 581 6.21 -5.75 -19.47
N GLY A 582 5.44 -5.07 -18.62
CA GLY A 582 5.99 -4.63 -17.36
C GLY A 582 5.99 -5.68 -16.28
N ALA A 583 6.69 -5.36 -15.21
CA ALA A 583 6.73 -6.24 -14.05
C ALA A 583 5.34 -6.44 -13.47
N SER A 584 5.07 -7.67 -13.03
CA SER A 584 3.80 -8.03 -12.42
C SER A 584 4.07 -8.37 -10.96
N ALA A 585 3.52 -7.58 -10.05
CA ALA A 585 3.76 -7.79 -8.63
C ALA A 585 2.48 -7.48 -7.85
N GLN A 586 2.04 -8.44 -7.06
CA GLN A 586 0.92 -8.27 -6.14
CA GLN A 586 0.91 -8.17 -6.19
C GLN A 586 1.34 -7.56 -4.86
N THR A 587 2.62 -7.63 -4.53
CA THR A 587 3.15 -7.11 -3.26
C THR A 587 4.48 -6.46 -3.54
N GLY A 588 4.93 -5.62 -2.60
CA GLY A 588 6.31 -5.17 -2.63
C GLY A 588 6.55 -3.97 -3.52
N SER A 589 7.85 -3.71 -3.75
CA SER A 589 8.29 -2.45 -4.33
C SER A 589 8.82 -2.56 -5.75
N LYS A 590 8.62 -3.69 -6.43
CA LYS A 590 9.16 -3.86 -7.77
C LYS A 590 8.08 -4.08 -8.83
N GLY A 591 6.83 -3.66 -8.54
CA GLY A 591 5.79 -3.71 -9.55
C GLY A 591 5.90 -2.54 -10.51
N SER A 592 5.19 -2.66 -11.62
CA SER A 592 5.32 -1.67 -12.69
C SER A 592 4.69 -0.33 -12.34
N ASP A 593 3.99 -0.21 -11.20
CA ASP A 593 3.51 1.10 -10.78
C ASP A 593 4.67 2.02 -10.42
N VAL A 594 5.79 1.46 -9.98
CA VAL A 594 6.94 2.24 -9.53
C VAL A 594 8.23 1.85 -10.20
N TYR A 595 8.34 0.64 -10.75
CA TYR A 595 9.60 0.07 -11.23
C TYR A 595 9.42 -0.28 -12.71
N PHE A 596 10.25 0.31 -13.58
CA PHE A 596 9.96 0.32 -15.01
C PHE A 596 10.93 -0.52 -15.82
N LYS A 597 11.68 -1.42 -15.20
CA LYS A 597 12.37 -2.43 -15.98
C LYS A 597 11.36 -3.28 -16.73
N TYR A 598 11.82 -3.87 -17.85
CA TYR A 598 11.05 -4.79 -18.71
C TYR A 598 10.03 -4.08 -19.61
N LEU A 599 9.39 -3.03 -19.09
CA LEU A 599 8.37 -2.29 -19.81
C LEU A 599 8.85 -1.82 -21.17
N LYS A 600 7.99 -1.94 -22.18
CA LYS A 600 8.25 -1.40 -23.51
C LYS A 600 7.10 -0.47 -23.89
N SER A 601 7.41 0.57 -24.64
CA SER A 601 6.36 1.45 -25.13
C SER A 601 6.26 1.33 -26.64
N GLN A 602 5.15 1.79 -27.19
CA GLN A 602 4.92 1.76 -28.62
C GLN A 602 4.49 3.16 -29.07
N ASP A 603 4.57 3.37 -30.38
CA ASP A 603 4.24 4.68 -30.94
C ASP A 603 2.75 4.98 -30.84
N LYS A 604 1.92 4.03 -31.22
CA LYS A 604 0.49 4.24 -31.30
C LYS A 604 -0.20 3.94 -29.97
N VAL A 605 -1.36 4.56 -29.79
CA VAL A 605 -2.16 4.27 -28.62
C VAL A 605 -2.62 2.82 -28.66
N VAL A 606 -2.46 2.12 -27.54
CA VAL A 606 -2.92 0.75 -27.42
C VAL A 606 -4.42 0.68 -27.71
N THR A 607 -4.83 -0.36 -28.44
CA THR A 607 -6.25 -0.60 -28.65
C THR A 607 -6.76 -1.64 -27.66
N LYS A 608 -8.05 -1.56 -27.38
CA LYS A 608 -8.67 -2.56 -26.53
C LYS A 608 -8.47 -3.96 -27.10
N GLU A 609 -8.53 -4.09 -28.43
CA GLU A 609 -8.28 -5.38 -29.05
C GLU A 609 -6.85 -5.85 -28.84
N GLU A 610 -5.88 -4.94 -29.02
CA GLU A 610 -4.49 -5.29 -28.72
C GLU A 610 -4.33 -5.74 -27.29
N TYR A 611 -4.94 -5.03 -26.35
CA TYR A 611 -4.79 -5.38 -24.94
C TYR A 611 -5.41 -6.74 -24.64
N GLU A 612 -6.60 -6.99 -25.16
CA GLU A 612 -7.28 -8.27 -24.82
C GLU A 612 -6.54 -9.46 -25.43
N LYS A 613 -6.08 -9.28 -26.64
CA LYS A 613 -5.30 -10.35 -27.27
C LYS A 613 -4.07 -10.67 -26.43
N ALA A 614 -3.36 -9.63 -25.99
CA ALA A 614 -2.19 -9.85 -25.16
C ALA A 614 -2.56 -10.46 -23.82
N ARG A 615 -3.69 -10.03 -23.24
CA ARG A 615 -4.09 -10.57 -21.94
CA ARG A 615 -4.10 -10.56 -21.94
C ARG A 615 -4.37 -12.05 -22.02
N GLU A 616 -5.06 -12.50 -23.07
CA GLU A 616 -5.39 -13.91 -23.14
C GLU A 616 -4.14 -14.75 -23.32
N LYS A 617 -3.16 -14.27 -24.09
CA LYS A 617 -1.92 -15.03 -24.23
C LYS A 617 -1.10 -14.98 -22.93
N TRP A 618 -1.07 -13.82 -22.29
CA TRP A 618 -0.35 -13.66 -21.03
C TRP A 618 -0.89 -14.58 -19.93
N LEU A 619 -2.22 -14.70 -19.83
CA LEU A 619 -2.78 -15.55 -18.78
C LEU A 619 -2.31 -16.99 -18.93
N LYS A 620 -2.25 -17.48 -20.18
CA LYS A 620 -1.78 -18.83 -20.42
C LYS A 620 -0.29 -18.96 -20.11
N GLU A 621 0.51 -18.02 -20.61
CA GLU A 621 1.95 -18.06 -20.38
C GLU A 621 2.29 -17.92 -18.90
N LYS A 622 1.54 -17.08 -18.18
CA LYS A 622 1.78 -16.87 -16.77
C LYS A 622 1.53 -18.14 -15.97
N ALA A 623 0.41 -18.81 -16.25
CA ALA A 623 0.11 -20.05 -15.55
C ALA A 623 1.23 -21.06 -15.72
N GLU A 624 1.72 -21.21 -16.95
CA GLU A 624 2.80 -22.17 -17.20
C GLU A 624 4.09 -21.73 -16.55
N SER A 625 4.41 -20.43 -16.63
CA SER A 625 5.65 -19.94 -16.06
C SER A 625 5.63 -20.04 -14.53
N ASN A 626 4.51 -19.68 -13.91
CA ASN A 626 4.41 -19.78 -12.45
C ASN A 626 4.53 -21.23 -12.01
N GLU A 627 3.93 -22.16 -12.77
CA GLU A 627 4.02 -23.57 -12.41
C GLU A 627 5.45 -24.08 -12.51
N LYS A 628 6.17 -23.70 -13.57
CA LYS A 628 7.57 -24.09 -13.68
C LYS A 628 8.37 -23.54 -12.51
N ALA A 629 8.15 -22.28 -12.15
CA ALA A 629 8.88 -21.70 -11.01
C ALA A 629 8.61 -22.47 -9.73
N GLN A 630 7.37 -22.85 -9.51
CA GLN A 630 7.04 -23.57 -8.28
C GLN A 630 7.75 -24.94 -8.26
N LYS A 631 7.78 -25.61 -9.39
CA LYS A 631 8.45 -26.91 -9.47
C LYS A 631 9.95 -26.81 -9.28
N GLU A 632 10.55 -25.64 -9.54
CA GLU A 632 11.97 -25.45 -9.34
C GLU A 632 12.34 -25.11 -7.90
N LEU A 633 11.36 -24.83 -7.04
CA LEU A 633 11.68 -24.41 -5.67
C LEU A 633 12.52 -25.45 -4.94
N ALA A 634 12.14 -26.73 -5.04
CA ALA A 634 12.83 -27.75 -4.25
C ALA A 634 14.30 -27.90 -4.62
N SER A 635 14.68 -27.53 -5.85
CA SER A 635 16.08 -27.58 -6.23
C SER A 635 16.94 -26.56 -5.49
N HIS A 636 16.32 -25.58 -4.83
CA HIS A 636 17.06 -24.61 -4.04
C HIS A 636 17.24 -25.03 -2.60
N VAL A 637 16.68 -26.17 -2.19
CA VAL A 637 16.84 -26.66 -0.83
C VAL A 637 18.13 -27.46 -0.77
N LYS A 638 19.05 -27.04 0.09
CA LYS A 638 20.34 -27.70 0.18
C LYS A 638 20.64 -28.06 1.63
N UNK B 1 2.85 -1.01 2.71
CA UNK B 1 3.26 0.37 2.36
C UNK B 1 2.06 1.32 2.42
N UNK B 2 2.30 2.53 2.93
CA UNK B 2 1.28 3.56 2.97
C UNK B 2 1.29 4.33 1.65
N UNK B 3 0.10 4.61 1.13
CA UNK B 3 -0.01 5.38 -0.11
C UNK B 3 -1.08 6.45 0.08
N UNK B 4 -0.89 7.58 -0.61
CA UNK B 4 -1.89 8.64 -0.56
C UNK B 4 -3.05 8.28 -1.47
N UNK B 5 -4.26 8.51 -0.97
CA UNK B 5 -5.48 8.22 -1.73
C UNK B 5 -6.18 9.48 -2.21
N UNK B 6 -5.61 10.66 -1.95
CA UNK B 6 -6.24 11.90 -2.40
C UNK B 6 -6.29 11.99 -3.92
N UNK B 7 -5.27 11.47 -4.61
CA UNK B 7 -5.23 11.44 -6.07
C UNK B 7 -4.92 10.02 -6.51
N UNK B 8 -5.87 9.38 -7.19
CA UNK B 8 -5.76 7.98 -7.62
C UNK B 8 -5.41 7.96 -9.11
N UNK B 9 -4.12 7.93 -9.42
CA UNK B 9 -3.62 8.04 -10.78
C UNK B 9 -3.29 6.69 -11.42
N UNK B 10 -3.51 5.59 -10.70
CA UNK B 10 -3.33 4.26 -11.27
C UNK B 10 -4.52 3.38 -10.90
#